data_7AQH
#
_entry.id   7AQH
#
_cell.length_a   62.130
_cell.length_b   62.510
_cell.length_c   66.171
_cell.angle_alpha   111.010
_cell.angle_beta   108.387
_cell.angle_gamma   90.184
#
_symmetry.space_group_name_H-M   'P 1'
#
loop_
_entity.id
_entity.type
_entity.pdbx_description
1 polymer ORF007
2 non-polymer '4-(2-HYDROXYETHYL)-1-PIPERAZINE ETHANESULFONIC ACID'
3 water water
#
_entity_poly.entity_id   1
_entity_poly.type   'polypeptide(L)'
_entity_poly.pdbx_seq_one_letter_code
;MWKQNKDGIWYKAEHASFTVTAPEGIITRYKGPWTGHPQAGVLQKGQTIKYDEVQKFDGHVWVSWETFEGETVYMPVRTW
DAKTGKVGKLWGEIK
;
_entity_poly.pdbx_strand_id   A,D,C,G,H,B,E,F
#
# COMPACT_ATOMS: atom_id res chain seq x y z
N TRP A 2 -27.89 31.30 -6.74
CA TRP A 2 -26.81 31.48 -7.71
C TRP A 2 -27.01 32.71 -8.58
N LYS A 3 -25.89 33.32 -8.98
CA LYS A 3 -25.91 34.46 -9.88
C LYS A 3 -24.68 34.38 -10.78
N GLN A 4 -24.85 34.89 -12.01
CA GLN A 4 -23.80 34.89 -13.01
C GLN A 4 -23.44 36.33 -13.36
N ASN A 5 -22.15 36.61 -13.47
CA ASN A 5 -21.69 37.96 -13.78
C ASN A 5 -21.42 38.08 -15.28
N LYS A 6 -20.87 39.23 -15.69
CA LYS A 6 -20.67 39.48 -17.12
C LYS A 6 -19.70 38.49 -17.74
N ASP A 7 -18.73 38.01 -16.98
CA ASP A 7 -17.74 37.10 -17.54
C ASP A 7 -18.22 35.66 -17.58
N GLY A 8 -19.44 35.40 -17.10
CA GLY A 8 -19.96 34.06 -17.06
C GLY A 8 -19.57 33.27 -15.84
N ILE A 9 -19.10 33.93 -14.79
CA ILE A 9 -18.69 33.25 -13.56
C ILE A 9 -19.91 33.10 -12.66
N TRP A 10 -20.28 31.85 -12.37
CA TRP A 10 -21.36 31.58 -11.44
C TRP A 10 -20.85 31.77 -10.02
N TYR A 11 -21.49 32.66 -9.27
CA TYR A 11 -21.08 32.93 -7.90
C TYR A 11 -22.30 32.88 -6.98
N LYS A 12 -22.03 32.63 -5.70
CA LYS A 12 -23.08 32.57 -4.70
C LYS A 12 -22.48 32.81 -3.32
N ALA A 13 -23.20 33.54 -2.48
CA ALA A 13 -22.74 33.80 -1.14
C ALA A 13 -22.89 32.54 -0.29
N GLU A 14 -21.88 32.27 0.53
CA GLU A 14 -21.88 31.10 1.40
C GLU A 14 -20.75 31.20 2.41
N HIS A 15 -21.09 31.13 3.69
CA HIS A 15 -20.12 31.28 4.77
C HIS A 15 -19.90 29.92 5.40
N ALA A 16 -18.74 29.32 5.15
CA ALA A 16 -18.40 28.02 5.72
C ALA A 16 -16.90 27.83 5.67
N SER A 17 -16.43 26.76 6.34
CA SER A 17 -15.03 26.41 6.41
C SER A 17 -14.75 25.18 5.55
N PHE A 18 -13.57 25.15 4.94
CA PHE A 18 -13.16 24.05 4.07
C PHE A 18 -11.82 23.51 4.54
N THR A 19 -11.73 22.19 4.70
CA THR A 19 -10.50 21.49 5.06
C THR A 19 -10.03 20.66 3.88
N VAL A 20 -8.82 20.95 3.40
CA VAL A 20 -8.30 20.26 2.22
C VAL A 20 -7.98 18.82 2.57
N THR A 21 -8.51 17.88 1.79
CA THR A 21 -8.21 16.47 1.93
C THR A 21 -7.49 15.89 0.73
N ALA A 22 -7.25 16.69 -0.31
CA ALA A 22 -6.53 16.22 -1.48
C ALA A 22 -5.10 15.86 -1.09
N PRO A 23 -4.60 14.69 -1.48
CA PRO A 23 -3.27 14.26 -1.02
C PRO A 23 -2.18 15.29 -1.28
N GLU A 24 -2.06 15.77 -2.52
CA GLU A 24 -1.00 16.68 -2.92
C GLU A 24 -1.38 18.15 -2.73
N GLY A 25 -2.44 18.43 -1.97
CA GLY A 25 -2.86 19.79 -1.75
C GLY A 25 -3.62 20.34 -2.96
N ILE A 26 -4.01 21.60 -2.85
CA ILE A 26 -4.76 22.27 -3.89
C ILE A 26 -4.05 23.57 -4.26
N ILE A 27 -3.94 23.83 -5.56
CA ILE A 27 -3.31 25.04 -6.06
C ILE A 27 -4.33 26.18 -6.05
N THR A 28 -3.92 27.33 -5.50
CA THR A 28 -4.78 28.50 -5.42
C THR A 28 -4.35 29.54 -6.44
N ARG A 29 -5.31 30.39 -6.84
CA ARG A 29 -5.10 31.37 -7.89
C ARG A 29 -5.47 32.76 -7.39
N TYR A 30 -4.94 33.77 -8.06
CA TYR A 30 -5.32 35.15 -7.80
C TYR A 30 -6.38 35.60 -8.81
N LYS A 31 -6.90 36.82 -8.60
CA LYS A 31 -7.80 37.49 -9.54
C LYS A 31 -9.16 36.82 -9.62
N GLY A 32 -9.21 35.54 -10.02
CA GLY A 32 -10.47 34.86 -10.19
C GLY A 32 -10.39 33.35 -10.23
N PRO A 33 -11.56 32.69 -10.32
CA PRO A 33 -11.66 31.22 -10.35
C PRO A 33 -11.36 30.65 -11.72
N TRP A 34 -10.12 30.82 -12.17
CA TRP A 34 -9.70 30.38 -13.49
C TRP A 34 -8.29 29.81 -13.41
N THR A 35 -8.09 28.64 -14.01
CA THR A 35 -6.78 27.99 -13.97
C THR A 35 -5.70 28.84 -14.64
N GLY A 36 -6.08 29.73 -15.56
CA GLY A 36 -5.11 30.55 -16.25
C GLY A 36 -4.57 31.73 -15.47
N HIS A 37 -5.15 32.05 -14.33
CA HIS A 37 -4.68 33.17 -13.53
C HIS A 37 -3.40 32.81 -12.79
N PRO A 38 -2.66 33.82 -12.31
CA PRO A 38 -1.43 33.55 -11.57
C PRO A 38 -1.68 32.73 -10.32
N GLN A 39 -0.74 31.84 -10.00
CA GLN A 39 -0.88 30.99 -8.83
C GLN A 39 -0.65 31.80 -7.55
N ALA A 40 -1.48 31.53 -6.54
CA ALA A 40 -1.40 32.22 -5.26
C ALA A 40 -0.81 31.36 -4.15
N GLY A 41 -0.48 30.11 -4.42
CA GLY A 41 0.08 29.21 -3.44
C GLY A 41 -0.58 27.85 -3.52
N VAL A 42 -0.30 27.01 -2.52
CA VAL A 42 -0.85 25.67 -2.46
C VAL A 42 -1.34 25.40 -1.05
N LEU A 43 -2.61 25.03 -0.90
CA LEU A 43 -3.17 24.63 0.38
C LEU A 43 -3.04 23.11 0.51
N GLN A 44 -2.25 22.67 1.49
CA GLN A 44 -1.93 21.26 1.65
C GLN A 44 -3.01 20.54 2.47
N LYS A 45 -2.95 19.21 2.43
CA LYS A 45 -3.87 18.40 3.19
C LYS A 45 -3.84 18.78 4.67
N GLY A 46 -5.01 18.72 5.31
CA GLY A 46 -5.14 19.06 6.70
C GLY A 46 -5.38 20.54 6.97
N GLN A 47 -4.89 21.42 6.11
CA GLN A 47 -5.07 22.84 6.32
C GLN A 47 -6.52 23.23 6.04
N THR A 48 -7.02 24.20 6.81
CA THR A 48 -8.41 24.63 6.74
C THR A 48 -8.48 26.14 6.48
N ILE A 49 -9.49 26.54 5.72
CA ILE A 49 -9.73 27.95 5.43
C ILE A 49 -11.24 28.18 5.52
N LYS A 50 -11.61 29.44 5.70
CA LYS A 50 -13.01 29.87 5.72
C LYS A 50 -13.26 30.78 4.53
N TYR A 51 -14.13 30.32 3.64
CA TYR A 51 -14.49 31.05 2.43
C TYR A 51 -15.83 31.76 2.64
N ASP A 52 -16.06 32.76 1.81
CA ASP A 52 -17.26 33.57 1.88
C ASP A 52 -18.07 33.56 0.58
N GLU A 53 -17.56 32.91 -0.45
CA GLU A 53 -18.24 32.87 -1.74
C GLU A 53 -17.82 31.62 -2.49
N VAL A 54 -18.76 31.07 -3.25
CA VAL A 54 -18.52 29.88 -4.06
C VAL A 54 -18.75 30.25 -5.52
N GLN A 55 -17.90 29.73 -6.40
CA GLN A 55 -17.99 30.01 -7.83
C GLN A 55 -17.97 28.70 -8.62
N LYS A 56 -18.56 28.75 -9.81
CA LYS A 56 -18.53 27.64 -10.76
C LYS A 56 -18.03 28.19 -12.09
N PHE A 57 -16.83 27.77 -12.49
CA PHE A 57 -16.20 28.32 -13.69
C PHE A 57 -15.00 27.46 -14.05
N ASP A 58 -14.65 27.48 -15.33
CA ASP A 58 -13.49 26.76 -15.84
C ASP A 58 -13.53 25.29 -15.43
N GLY A 59 -14.70 24.68 -15.59
CA GLY A 59 -14.85 23.27 -15.31
C GLY A 59 -14.65 22.86 -13.87
N HIS A 60 -14.73 23.80 -12.93
CA HIS A 60 -14.53 23.48 -11.51
C HIS A 60 -15.47 24.32 -10.67
N VAL A 61 -15.69 23.85 -9.43
CA VAL A 61 -16.36 24.63 -8.40
C VAL A 61 -15.28 25.24 -7.51
N TRP A 62 -15.40 26.53 -7.24
CA TRP A 62 -14.38 27.26 -6.51
C TRP A 62 -14.96 27.86 -5.24
N VAL A 63 -14.07 28.09 -4.27
CA VAL A 63 -14.38 28.85 -3.07
C VAL A 63 -13.36 29.97 -2.96
N SER A 64 -13.81 31.13 -2.50
CA SER A 64 -12.96 32.31 -2.43
C SER A 64 -12.98 32.89 -1.03
N TRP A 65 -11.89 33.59 -0.70
CA TRP A 65 -11.78 34.28 0.58
C TRP A 65 -10.75 35.39 0.42
N GLU A 66 -10.72 36.29 1.41
CA GLU A 66 -9.73 37.35 1.44
C GLU A 66 -8.64 36.98 2.44
N THR A 67 -7.39 37.26 2.06
CA THR A 67 -6.25 36.99 2.92
C THR A 67 -6.04 38.15 3.90
N PHE A 68 -5.02 38.02 4.75
CA PHE A 68 -4.68 39.09 5.68
C PHE A 68 -4.26 40.33 4.91
N GLU A 69 -3.65 40.14 3.74
CA GLU A 69 -3.11 41.20 2.92
C GLU A 69 -4.18 41.91 2.10
N GLY A 70 -5.41 41.39 2.08
CA GLY A 70 -6.50 42.00 1.36
C GLY A 70 -6.73 41.44 -0.03
N GLU A 71 -5.92 40.47 -0.44
CA GLU A 71 -6.04 39.85 -1.75
C GLU A 71 -7.10 38.76 -1.72
N THR A 72 -7.83 38.62 -2.81
CA THR A 72 -8.84 37.57 -2.90
C THR A 72 -8.21 36.35 -3.57
N VAL A 73 -8.39 35.17 -2.96
CA VAL A 73 -7.83 33.93 -3.44
C VAL A 73 -8.97 32.97 -3.78
N TYR A 74 -8.86 32.31 -4.93
CA TYR A 74 -9.85 31.35 -5.39
C TYR A 74 -9.24 29.95 -5.40
N MET A 75 -10.02 28.97 -4.97
CA MET A 75 -9.55 27.59 -4.88
C MET A 75 -10.59 26.65 -5.48
N PRO A 76 -10.18 25.73 -6.36
CA PRO A 76 -11.11 24.71 -6.83
C PRO A 76 -11.35 23.66 -5.75
N VAL A 77 -12.56 23.10 -5.75
CA VAL A 77 -12.95 22.16 -4.71
C VAL A 77 -13.60 20.92 -5.32
N ARG A 78 -13.90 20.97 -6.61
CA ARG A 78 -14.52 19.84 -7.28
C ARG A 78 -14.71 20.16 -8.75
N THR A 79 -14.80 19.11 -9.56
CA THR A 79 -15.03 19.27 -10.99
C THR A 79 -16.48 19.65 -11.24
N TRP A 80 -16.72 20.30 -12.38
CA TRP A 80 -18.04 20.82 -12.71
C TRP A 80 -18.22 20.80 -14.22
N ASP A 81 -19.28 20.12 -14.67
CA ASP A 81 -19.62 20.08 -16.09
C ASP A 81 -20.62 21.19 -16.37
N ALA A 82 -20.20 22.21 -17.12
CA ALA A 82 -21.04 23.38 -17.34
C ALA A 82 -22.29 23.03 -18.14
N LYS A 83 -22.21 22.06 -19.04
CA LYS A 83 -23.33 21.77 -19.93
C LYS A 83 -24.38 20.88 -19.28
N THR A 84 -24.02 20.14 -18.22
CA THR A 84 -24.96 19.28 -17.53
C THR A 84 -25.16 19.63 -16.06
N GLY A 85 -24.23 20.35 -15.43
CA GLY A 85 -24.32 20.66 -14.03
C GLY A 85 -23.84 19.57 -13.10
N LYS A 86 -23.29 18.48 -13.62
CA LYS A 86 -22.80 17.39 -12.80
C LYS A 86 -21.51 17.81 -12.09
N VAL A 87 -21.45 17.59 -10.77
CA VAL A 87 -20.27 17.93 -9.99
C VAL A 87 -19.58 16.65 -9.52
N GLY A 88 -18.26 16.72 -9.40
CA GLY A 88 -17.45 15.59 -9.02
C GLY A 88 -17.25 15.46 -7.52
N LYS A 89 -16.36 14.55 -7.14
CA LYS A 89 -16.03 14.33 -5.74
C LYS A 89 -15.46 15.60 -5.13
N LEU A 90 -15.82 15.86 -3.87
CA LEU A 90 -15.30 17.01 -3.15
C LEU A 90 -13.88 16.73 -2.69
N TRP A 91 -13.00 17.71 -2.87
CA TRP A 91 -11.60 17.58 -2.50
C TRP A 91 -11.35 17.90 -1.03
N GLY A 92 -12.39 17.95 -0.22
CA GLY A 92 -12.21 18.25 1.18
C GLY A 92 -13.53 18.11 1.92
N GLU A 93 -13.60 18.68 3.11
CA GLU A 93 -14.79 18.62 3.94
C GLU A 93 -15.29 20.04 4.22
N ILE A 94 -16.61 20.16 4.38
CA ILE A 94 -17.22 21.46 4.64
C ILE A 94 -17.97 21.43 5.97
N TRP B 2 13.75 -33.54 1.36
CA TRP B 2 13.90 -33.52 2.80
C TRP B 2 13.41 -34.81 3.44
N LYS B 3 14.06 -35.19 4.55
CA LYS B 3 13.67 -36.36 5.32
C LYS B 3 13.94 -36.08 6.79
N GLN B 4 13.13 -36.70 7.65
CA GLN B 4 13.24 -36.54 9.09
C GLN B 4 13.64 -37.86 9.73
N ASN B 5 14.57 -37.80 10.67
CA ASN B 5 15.04 -38.99 11.37
C ASN B 5 14.27 -39.18 12.68
N LYS B 6 14.73 -40.14 13.48
CA LYS B 6 14.00 -40.50 14.70
C LYS B 6 13.91 -39.35 15.70
N ASP B 7 14.93 -38.50 15.76
CA ASP B 7 14.94 -37.39 16.70
C ASP B 7 14.23 -36.15 16.18
N GLY B 8 13.70 -36.19 14.96
CA GLY B 8 13.03 -35.05 14.38
C GLY B 8 13.92 -34.08 13.64
N ILE B 9 15.13 -34.50 13.25
CA ILE B 9 16.05 -33.63 12.54
C ILE B 9 15.74 -33.72 11.05
N TRP B 10 15.34 -32.61 10.46
CA TRP B 10 15.13 -32.55 9.02
C TRP B 10 16.48 -32.42 8.32
N TYR B 11 16.80 -33.38 7.47
CA TYR B 11 18.07 -33.38 6.75
C TYR B 11 17.85 -33.67 5.28
N LYS B 12 18.81 -33.22 4.47
CA LYS B 12 18.79 -33.45 3.03
C LYS B 12 20.21 -33.34 2.50
N ALA B 13 20.56 -34.20 1.55
CA ALA B 13 21.89 -34.16 0.96
C ALA B 13 22.03 -32.97 0.03
N GLU B 14 23.18 -32.30 0.11
CA GLU B 14 23.47 -31.15 -0.73
C GLU B 14 24.94 -30.78 -0.63
N HIS B 15 25.64 -30.75 -1.77
CA HIS B 15 27.07 -30.49 -1.81
C HIS B 15 27.29 -29.11 -2.42
N ALA B 16 27.73 -28.16 -1.60
CA ALA B 16 27.99 -26.81 -2.07
C ALA B 16 28.93 -26.13 -1.08
N SER B 17 29.38 -24.94 -1.45
CA SER B 17 30.32 -24.17 -0.64
C SER B 17 29.60 -23.02 0.05
N PHE B 18 30.03 -22.72 1.27
CA PHE B 18 29.43 -21.67 2.08
C PHE B 18 30.51 -20.70 2.54
N THR B 19 30.27 -19.41 2.33
CA THR B 19 31.17 -18.35 2.77
C THR B 19 30.48 -17.55 3.87
N VAL B 20 31.09 -17.51 5.05
CA VAL B 20 30.48 -16.85 6.20
C VAL B 20 30.52 -15.34 6.00
N THR B 21 29.36 -14.69 6.15
CA THR B 21 29.27 -13.25 6.09
C THR B 21 28.82 -12.61 7.40
N ALA B 22 28.52 -13.41 8.41
CA ALA B 22 28.12 -12.87 9.71
C ALA B 22 29.29 -12.13 10.35
N PRO B 23 29.11 -10.89 10.80
CA PRO B 23 30.27 -10.09 11.25
C PRO B 23 31.15 -10.78 12.29
N GLU B 24 30.58 -11.27 13.38
CA GLU B 24 31.35 -11.87 14.46
C GLU B 24 31.53 -13.38 14.30
N GLY B 25 31.32 -13.91 13.10
CA GLY B 25 31.48 -15.33 12.87
C GLY B 25 30.30 -16.15 13.36
N ILE B 26 30.41 -17.45 13.17
CA ILE B 26 29.37 -18.40 13.53
C ILE B 26 29.97 -19.50 14.40
N ILE B 27 29.25 -19.87 15.46
CA ILE B 27 29.69 -20.94 16.35
C ILE B 27 29.26 -22.28 15.78
N THR B 28 30.19 -23.23 15.71
CA THR B 28 29.93 -24.56 15.18
C THR B 28 29.86 -25.57 16.32
N ARG B 29 29.16 -26.67 16.07
CA ARG B 29 28.90 -27.68 17.08
C ARG B 29 29.32 -29.06 16.58
N TYR B 30 29.56 -29.96 17.53
CA TYR B 30 29.82 -31.36 17.24
C TYR B 30 28.53 -32.18 17.40
N LYS B 31 28.63 -33.46 17.08
CA LYS B 31 27.56 -34.41 17.34
C LYS B 31 26.35 -34.18 16.43
N GLY B 32 25.74 -33.00 16.51
CA GLY B 32 24.56 -32.73 15.72
C GLY B 32 24.23 -31.25 15.62
N PRO B 33 23.19 -30.93 14.85
CA PRO B 33 22.77 -29.53 14.66
C PRO B 33 21.91 -29.02 15.80
N TRP B 34 22.53 -28.91 16.98
CA TRP B 34 21.82 -28.49 18.19
C TRP B 34 22.72 -27.58 19.00
N THR B 35 22.18 -26.44 19.43
CA THR B 35 22.96 -25.47 20.19
C THR B 35 23.48 -26.05 21.51
N GLY B 36 22.82 -27.08 22.04
CA GLY B 36 23.24 -27.67 23.30
C GLY B 36 24.44 -28.60 23.22
N HIS B 37 24.87 -28.96 22.01
CA HIS B 37 26.01 -29.83 21.85
C HIS B 37 27.32 -29.09 22.08
N PRO B 38 28.41 -29.81 22.30
CA PRO B 38 29.70 -29.15 22.54
C PRO B 38 30.11 -28.30 21.34
N GLN B 39 30.73 -27.17 21.64
CA GLN B 39 31.19 -26.25 20.59
C GLN B 39 32.44 -26.80 19.91
N ALA B 40 32.47 -26.67 18.59
CA ALA B 40 33.59 -27.15 17.78
C ALA B 40 34.49 -26.03 17.26
N GLY B 41 34.16 -24.77 17.54
CA GLY B 41 34.94 -23.64 17.08
C GLY B 41 34.05 -22.56 16.51
N VAL B 42 34.68 -21.58 15.86
CA VAL B 42 33.97 -20.46 15.26
C VAL B 42 34.55 -20.20 13.87
N LEU B 43 33.69 -20.18 12.86
CA LEU B 43 34.07 -19.84 11.50
C LEU B 43 33.86 -18.35 11.28
N GLN B 44 34.97 -17.63 11.03
CA GLN B 44 34.95 -16.19 10.91
C GLN B 44 34.62 -15.75 9.48
N LYS B 45 34.29 -14.47 9.34
CA LYS B 45 33.99 -13.91 8.03
C LYS B 45 35.14 -14.14 7.06
N GLY B 46 34.81 -14.36 5.80
CA GLY B 46 35.77 -14.62 4.76
C GLY B 46 36.14 -16.09 4.62
N GLN B 47 36.08 -16.85 5.71
CA GLN B 47 36.39 -18.26 5.66
C GLN B 47 35.27 -19.02 4.94
N THR B 48 35.66 -20.03 4.17
CA THR B 48 34.72 -20.81 3.38
C THR B 48 34.87 -22.27 3.71
N ILE B 49 33.74 -23.00 3.67
CA ILE B 49 33.73 -24.43 3.91
C ILE B 49 32.82 -25.10 2.87
N LYS B 50 33.03 -26.40 2.70
CA LYS B 50 32.25 -27.21 1.77
C LYS B 50 31.44 -28.22 2.58
N TYR B 51 30.11 -28.08 2.54
CA TYR B 51 29.23 -28.95 3.28
C TYR B 51 28.62 -30.01 2.36
N ASP B 52 28.15 -31.08 2.97
CA ASP B 52 27.56 -32.20 2.25
C ASP B 52 26.14 -32.52 2.68
N GLU B 53 25.60 -31.83 3.69
CA GLU B 53 24.26 -32.10 4.17
C GLU B 53 23.69 -30.84 4.81
N VAL B 54 22.39 -30.66 4.67
CA VAL B 54 21.67 -29.53 5.26
C VAL B 54 20.62 -30.07 6.23
N GLN B 55 20.48 -29.40 7.35
CA GLN B 55 19.51 -29.79 8.37
C GLN B 55 18.66 -28.60 8.77
N LYS B 56 17.46 -28.91 9.27
CA LYS B 56 16.54 -27.91 9.81
C LYS B 56 16.24 -28.40 11.23
N PHE B 57 16.74 -27.68 12.22
CA PHE B 57 16.66 -28.24 13.55
C PHE B 57 17.08 -27.17 14.56
N ASP B 58 16.57 -27.29 15.78
CA ASP B 58 16.89 -26.35 16.86
C ASP B 58 16.66 -24.91 16.42
N GLY B 59 15.52 -24.67 15.77
CA GLY B 59 15.15 -23.32 15.39
C GLY B 59 16.08 -22.69 14.39
N HIS B 60 16.91 -23.47 13.71
CA HIS B 60 17.88 -22.97 12.75
C HIS B 60 18.00 -23.95 11.59
N VAL B 61 18.53 -23.45 10.48
CA VAL B 61 18.94 -24.29 9.36
C VAL B 61 20.45 -24.51 9.47
N TRP B 62 20.88 -25.76 9.38
CA TRP B 62 22.27 -26.14 9.60
C TRP B 62 22.86 -26.77 8.35
N VAL B 63 24.18 -26.66 8.22
CA VAL B 63 24.96 -27.39 7.23
C VAL B 63 26.05 -28.15 7.97
N SER B 64 26.36 -29.35 7.49
CA SER B 64 27.32 -30.22 8.16
C SER B 64 28.40 -30.67 7.20
N TRP B 65 29.57 -30.98 7.76
CA TRP B 65 30.69 -31.50 7.00
C TRP B 65 31.61 -32.24 7.96
N GLU B 66 32.53 -33.00 7.39
CA GLU B 66 33.53 -33.74 8.16
C GLU B 66 34.86 -33.02 8.13
N THR B 67 35.56 -33.05 9.27
CA THR B 67 36.88 -32.46 9.40
C THR B 67 37.95 -33.42 8.91
N PHE B 68 39.20 -33.00 9.06
CA PHE B 68 40.32 -33.85 8.67
C PHE B 68 40.35 -35.14 9.48
N GLU B 69 39.96 -35.07 10.75
CA GLU B 69 39.98 -36.27 11.61
C GLU B 69 38.76 -37.14 11.42
N GLY B 70 37.78 -36.71 10.65
CA GLY B 70 36.60 -37.49 10.42
C GLY B 70 35.40 -37.10 11.28
N GLU B 71 35.53 -36.07 12.14
CA GLU B 71 34.38 -35.61 12.92
C GLU B 71 33.51 -34.70 12.08
N THR B 72 32.21 -34.82 12.26
CA THR B 72 31.24 -34.02 11.55
C THR B 72 30.91 -32.78 12.38
N VAL B 73 30.95 -31.62 11.74
CA VAL B 73 30.69 -30.35 12.39
C VAL B 73 29.45 -29.72 11.77
N TYR B 74 28.56 -29.21 12.62
CA TYR B 74 27.32 -28.59 12.20
C TYR B 74 27.38 -27.09 12.49
N MET B 75 26.89 -26.29 11.55
CA MET B 75 26.91 -24.84 11.66
C MET B 75 25.55 -24.27 11.31
N PRO B 76 25.00 -23.38 12.13
CA PRO B 76 23.77 -22.69 11.73
C PRO B 76 24.06 -21.65 10.66
N VAL B 77 23.08 -21.44 9.78
CA VAL B 77 23.26 -20.55 8.64
C VAL B 77 22.06 -19.61 8.52
N ARG B 78 21.00 -19.88 9.28
CA ARG B 78 19.82 -19.04 9.22
C ARG B 78 18.82 -19.54 10.24
N THR B 79 17.93 -18.64 10.67
CA THR B 79 16.87 -19.00 11.60
C THR B 79 15.77 -19.77 10.87
N TRP B 80 15.02 -20.55 11.64
CA TRP B 80 14.00 -21.43 11.08
C TRP B 80 12.87 -21.59 12.08
N ASP B 81 11.65 -21.24 11.67
CA ASP B 81 10.47 -21.41 12.50
C ASP B 81 9.83 -22.75 12.19
N ALA B 82 9.90 -23.68 13.15
CA ALA B 82 9.40 -25.03 12.90
C ALA B 82 7.90 -25.05 12.68
N LYS B 83 7.16 -24.13 13.31
CA LYS B 83 5.71 -24.18 13.25
C LYS B 83 5.15 -23.59 11.97
N THR B 84 5.90 -22.74 11.28
CA THR B 84 5.47 -22.13 10.03
C THR B 84 6.35 -22.45 8.84
N GLY B 85 7.60 -22.88 9.06
CA GLY B 85 8.53 -23.09 7.98
C GLY B 85 9.24 -21.83 7.53
N LYS B 86 9.04 -20.72 8.22
CA LYS B 86 9.70 -19.47 7.87
C LYS B 86 11.18 -19.53 8.17
N VAL B 87 11.99 -19.16 7.19
CA VAL B 87 13.43 -19.11 7.35
C VAL B 87 13.87 -17.65 7.33
N GLY B 88 14.91 -17.36 8.09
CA GLY B 88 15.41 -16.01 8.24
C GLY B 88 16.46 -15.66 7.21
N LYS B 89 17.06 -14.49 7.40
CA LYS B 89 18.12 -14.02 6.52
C LYS B 89 19.31 -14.97 6.58
N LEU B 90 19.93 -15.20 5.43
CA LEU B 90 21.07 -16.09 5.34
C LEU B 90 22.33 -15.41 5.87
N TRP B 91 23.10 -16.15 6.66
CA TRP B 91 24.32 -15.64 7.28
C TRP B 91 25.54 -15.75 6.37
N GLY B 92 25.35 -16.01 5.09
CA GLY B 92 26.49 -16.15 4.20
C GLY B 92 26.06 -16.34 2.77
N GLU B 93 27.01 -16.79 1.95
CA GLU B 93 26.78 -17.02 0.54
C GLU B 93 27.07 -18.48 0.20
N ILE B 94 26.38 -18.99 -0.81
CA ILE B 94 26.55 -20.38 -1.21
C ILE B 94 27.05 -20.46 -2.65
N TRP C 2 12.28 14.57 27.83
CA TRP C 2 11.50 13.43 28.32
C TRP C 2 11.29 13.50 29.83
N LYS C 3 10.15 12.99 30.29
CA LYS C 3 9.86 12.94 31.72
C LYS C 3 9.07 11.69 32.02
N GLN C 4 9.29 11.13 33.21
CA GLN C 4 8.62 9.92 33.64
C GLN C 4 7.77 10.20 34.87
N ASN C 5 6.55 9.66 34.88
CA ASN C 5 5.63 9.81 35.98
C ASN C 5 5.70 8.60 36.91
N LYS C 6 4.78 8.53 37.88
CA LYS C 6 4.80 7.47 38.88
C LYS C 6 4.59 6.09 38.25
N ASP C 7 3.83 6.03 37.15
CA ASP C 7 3.53 4.76 36.51
C ASP C 7 4.65 4.30 35.57
N GLY C 8 5.71 5.09 35.41
CA GLY C 8 6.81 4.72 34.56
C GLY C 8 6.64 5.03 33.09
N ILE C 9 5.69 5.89 32.74
CA ILE C 9 5.45 6.25 31.35
C ILE C 9 6.34 7.42 30.97
N TRP C 10 7.23 7.21 30.02
CA TRP C 10 8.06 8.29 29.48
C TRP C 10 7.22 9.11 28.50
N TYR C 11 7.08 10.41 28.77
CA TYR C 11 6.30 11.28 27.91
C TYR C 11 7.06 12.56 27.61
N LYS C 12 6.69 13.20 26.50
CA LYS C 12 7.27 14.47 26.10
C LYS C 12 6.29 15.18 25.17
N ALA C 13 6.20 16.49 25.31
CA ALA C 13 5.29 17.28 24.49
C ALA C 13 5.82 17.39 23.06
N GLU C 14 4.91 17.25 22.10
CA GLU C 14 5.27 17.35 20.68
C GLU C 14 4.04 17.41 19.79
N HIS C 15 3.95 18.44 18.95
CA HIS C 15 2.81 18.64 18.06
C HIS C 15 3.24 18.35 16.63
N ALA C 16 2.73 17.26 16.08
CA ALA C 16 3.02 16.87 14.71
C ALA C 16 1.93 15.92 14.26
N SER C 17 1.92 15.63 12.97
CA SER C 17 0.93 14.76 12.36
C SER C 17 1.53 13.41 12.01
N PHE C 18 0.73 12.35 12.17
CA PHE C 18 1.16 10.99 11.88
C PHE C 18 0.20 10.37 10.89
N THR C 19 0.74 9.79 9.82
CA THR C 19 -0.03 9.08 8.81
C THR C 19 0.31 7.60 8.91
N VAL C 20 -0.70 6.77 9.16
CA VAL C 20 -0.48 5.36 9.40
C VAL C 20 -0.03 4.67 8.12
N THR C 21 1.05 3.91 8.20
CA THR C 21 1.58 3.16 7.08
C THR C 21 1.51 1.65 7.29
N ALA C 22 1.08 1.20 8.46
CA ALA C 22 0.93 -0.24 8.72
C ALA C 22 -0.21 -0.80 7.88
N PRO C 23 0.01 -1.89 7.14
CA PRO C 23 -1.04 -2.40 6.25
C PRO C 23 -2.37 -2.66 6.94
N GLU C 24 -2.37 -3.42 8.04
CA GLU C 24 -3.60 -3.79 8.72
C GLU C 24 -4.03 -2.78 9.77
N GLY C 25 -3.50 -1.56 9.71
CA GLY C 25 -3.86 -0.52 10.66
C GLY C 25 -3.18 -0.68 12.00
N ILE C 26 -3.51 0.25 12.90
CA ILE C 26 -2.94 0.30 14.24
C ILE C 26 -4.08 0.36 15.25
N ILE C 27 -3.97 -0.44 16.30
CA ILE C 27 -4.98 -0.46 17.35
C ILE C 27 -4.68 0.67 18.34
N THR C 28 -5.70 1.45 18.66
CA THR C 28 -5.57 2.56 19.59
C THR C 28 -6.22 2.20 20.92
N ARG C 29 -5.75 2.85 22.00
CA ARG C 29 -6.18 2.54 23.35
C ARG C 29 -6.68 3.79 24.05
N TYR C 30 -7.50 3.57 25.08
CA TYR C 30 -7.95 4.62 25.98
C TYR C 30 -7.09 4.61 27.24
N LYS C 31 -7.36 5.56 28.13
CA LYS C 31 -6.72 5.58 29.45
C LYS C 31 -5.26 5.97 29.36
N GLY C 32 -4.45 5.16 28.67
CA GLY C 32 -3.02 5.39 28.59
C GLY C 32 -2.36 4.58 27.49
N PRO C 33 -1.06 4.78 27.32
CA PRO C 33 -0.30 4.05 26.29
C PRO C 33 0.05 2.64 26.74
N TRP C 34 -0.97 1.82 26.92
CA TRP C 34 -0.80 0.46 27.42
C TRP C 34 -1.74 -0.48 26.69
N THR C 35 -1.20 -1.60 26.22
CA THR C 35 -1.98 -2.57 25.46
C THR C 35 -3.15 -3.15 26.26
N GLY C 36 -3.05 -3.15 27.60
CA GLY C 36 -4.11 -3.70 28.42
C GLY C 36 -5.33 -2.82 28.58
N HIS C 37 -5.25 -1.57 28.14
CA HIS C 37 -6.37 -0.65 28.26
C HIS C 37 -7.45 -0.97 27.25
N PRO C 38 -8.67 -0.47 27.46
CA PRO C 38 -9.74 -0.72 26.49
C PRO C 38 -9.39 -0.15 25.13
N GLN C 39 -9.81 -0.85 24.08
CA GLN C 39 -9.53 -0.41 22.73
C GLN C 39 -10.41 0.78 22.36
N ALA C 40 -9.82 1.76 21.70
CA ALA C 40 -10.52 2.98 21.30
C ALA C 40 -10.86 3.02 19.81
N GLY C 41 -10.46 2.00 19.05
CA GLY C 41 -10.70 1.93 17.64
C GLY C 41 -9.44 1.52 16.91
N VAL C 42 -9.48 1.64 15.59
CA VAL C 42 -8.36 1.30 14.73
C VAL C 42 -8.18 2.42 13.71
N LEU C 43 -6.99 2.99 13.65
CA LEU C 43 -6.66 3.99 12.64
C LEU C 43 -6.07 3.25 11.45
N GLN C 44 -6.77 3.29 10.31
CA GLN C 44 -6.35 2.51 9.17
C GLN C 44 -5.30 3.29 8.38
N LYS C 45 -4.57 2.57 7.54
CA LYS C 45 -3.55 3.17 6.69
C LYS C 45 -4.13 4.30 5.86
N GLY C 46 -3.31 5.32 5.64
CA GLY C 46 -3.75 6.47 4.86
C GLY C 46 -4.37 7.54 5.73
N GLN C 47 -5.00 7.12 6.82
CA GLN C 47 -5.59 8.07 7.75
C GLN C 47 -4.51 8.81 8.52
N THR C 48 -4.76 10.08 8.80
CA THR C 48 -3.79 10.93 9.46
C THR C 48 -4.39 11.55 10.71
N ILE C 49 -3.55 11.74 11.73
CA ILE C 49 -3.95 12.37 12.99
C ILE C 49 -2.86 13.33 13.43
N LYS C 50 -3.24 14.26 14.30
CA LYS C 50 -2.34 15.23 14.88
C LYS C 50 -2.24 14.96 16.39
N TYR C 51 -1.05 14.59 16.84
CA TYR C 51 -0.81 14.25 18.24
C TYR C 51 -0.13 15.40 18.98
N ASP C 52 -0.23 15.37 20.30
CA ASP C 52 0.31 16.41 21.16
C ASP C 52 1.31 15.89 22.17
N GLU C 53 1.51 14.57 22.25
CA GLU C 53 2.41 14.01 23.25
C GLU C 53 2.93 12.67 22.76
N VAL C 54 4.16 12.36 23.13
CA VAL C 54 4.80 11.10 22.80
C VAL C 54 5.09 10.36 24.09
N GLN C 55 4.87 9.05 24.09
CA GLN C 55 5.08 8.23 25.27
C GLN C 55 5.92 7.01 24.92
N LYS C 56 6.63 6.51 25.93
CA LYS C 56 7.41 5.28 25.81
C LYS C 56 7.01 4.35 26.95
N PHE C 57 6.34 3.26 26.62
CA PHE C 57 5.81 2.36 27.64
C PHE C 57 5.32 1.09 26.97
N ASP C 58 5.29 0.01 27.74
CA ASP C 58 4.80 -1.28 27.27
C ASP C 58 5.47 -1.69 25.96
N GLY C 59 6.78 -1.54 25.91
CA GLY C 59 7.56 -1.99 24.76
C GLY C 59 7.28 -1.28 23.47
N HIS C 60 6.65 -0.10 23.51
CA HIS C 60 6.32 0.63 22.30
C HIS C 60 6.47 2.12 22.54
N VAL C 61 6.60 2.86 21.45
CA VAL C 61 6.53 4.32 21.45
C VAL C 61 5.12 4.72 21.02
N TRP C 62 4.49 5.62 21.76
CA TRP C 62 3.12 5.99 21.54
C TRP C 62 3.00 7.49 21.25
N VAL C 63 1.93 7.84 20.54
CA VAL C 63 1.53 9.23 20.36
C VAL C 63 0.08 9.35 20.82
N SER C 64 -0.26 10.48 21.44
CA SER C 64 -1.56 10.67 22.04
C SER C 64 -2.21 11.95 21.51
N TRP C 65 -3.54 11.97 21.53
CA TRP C 65 -4.31 13.14 21.14
C TRP C 65 -5.67 13.06 21.82
N GLU C 66 -6.40 14.17 21.76
CA GLU C 66 -7.73 14.26 22.36
C GLU C 66 -8.80 14.12 21.27
N THR C 67 -9.87 13.42 21.60
CA THR C 67 -10.98 13.21 20.68
C THR C 67 -11.96 14.38 20.71
N PHE C 68 -13.04 14.25 19.95
CA PHE C 68 -14.07 15.29 19.92
C PHE C 68 -14.72 15.49 21.29
N GLU C 69 -14.93 14.41 22.04
CA GLU C 69 -15.55 14.51 23.35
C GLU C 69 -14.57 14.82 24.47
N GLY C 70 -13.27 14.85 24.19
CA GLY C 70 -12.27 15.14 25.20
C GLY C 70 -11.56 13.93 25.77
N GLU C 71 -11.83 12.74 25.26
CA GLU C 71 -11.14 11.54 25.70
C GLU C 71 -9.80 11.42 24.98
N THR C 72 -8.81 10.93 25.72
CA THR C 72 -7.45 10.79 25.21
C THR C 72 -7.26 9.41 24.61
N VAL C 73 -6.71 9.37 23.40
CA VAL C 73 -6.46 8.12 22.69
C VAL C 73 -4.96 8.00 22.44
N TYR C 74 -4.40 6.82 22.71
CA TYR C 74 -2.99 6.55 22.53
C TYR C 74 -2.79 5.53 21.42
N MET C 75 -1.75 5.74 20.61
CA MET C 75 -1.46 4.88 19.48
C MET C 75 0.02 4.51 19.46
N PRO C 76 0.36 3.24 19.32
CA PRO C 76 1.76 2.86 19.13
C PRO C 76 2.22 3.18 17.72
N VAL C 77 3.51 3.51 17.59
CA VAL C 77 4.06 3.94 16.31
C VAL C 77 5.35 3.20 16.02
N ARG C 78 5.88 2.49 17.01
CA ARG C 78 7.12 1.75 16.81
C ARG C 78 7.45 0.99 18.10
N THR C 79 8.21 -0.09 17.94
CA THR C 79 8.64 -0.86 19.09
C THR C 79 9.74 -0.13 19.86
N TRP C 80 9.86 -0.46 21.14
CA TRP C 80 10.79 0.23 22.02
C TRP C 80 11.27 -0.72 23.10
N ASP C 81 12.59 -0.88 23.21
CA ASP C 81 13.20 -1.69 24.25
C ASP C 81 13.56 -0.78 25.41
N ALA C 82 12.86 -0.92 26.54
CA ALA C 82 13.03 0.01 27.64
C ALA C 82 14.43 -0.05 28.23
N LYS C 83 15.05 -1.23 28.26
CA LYS C 83 16.34 -1.37 28.91
C LYS C 83 17.50 -0.98 28.01
N THR C 84 17.28 -0.90 26.69
CA THR C 84 18.32 -0.49 25.76
C THR C 84 18.01 0.80 25.03
N GLY C 85 16.74 1.21 24.95
CA GLY C 85 16.35 2.40 24.25
C GLY C 85 16.25 2.25 22.75
N LYS C 86 16.47 1.05 22.22
CA LYS C 86 16.37 0.84 20.78
C LYS C 86 14.91 0.85 20.34
N VAL C 87 14.61 1.63 19.32
CA VAL C 87 13.25 1.73 18.77
C VAL C 87 13.26 1.11 17.38
N GLY C 88 12.13 0.53 17.01
CA GLY C 88 12.00 -0.14 15.74
C GLY C 88 11.56 0.79 14.63
N LYS C 89 11.29 0.19 13.48
CA LYS C 89 10.85 0.95 12.33
C LYS C 89 9.51 1.61 12.61
N LEU C 90 9.34 2.82 12.09
CA LEU C 90 8.10 3.57 12.27
C LEU C 90 6.99 3.00 11.39
N TRP C 91 5.80 2.90 11.96
CA TRP C 91 4.63 2.39 11.27
C TRP C 91 3.95 3.46 10.42
N GLY C 92 4.62 4.57 10.18
CA GLY C 92 4.05 5.64 9.39
C GLY C 92 5.08 6.74 9.20
N GLU C 93 4.59 7.89 8.74
CA GLU C 93 5.43 9.05 8.51
C GLU C 93 4.95 10.23 9.32
N ILE C 94 5.87 11.11 9.69
CA ILE C 94 5.54 12.28 10.49
C ILE C 94 5.90 13.55 9.74
N TRP D 2 39.57 -12.29 21.32
CA TRP D 2 38.57 -12.30 22.37
C TRP D 2 39.07 -13.05 23.60
N LYS D 3 38.63 -12.61 24.78
CA LYS D 3 39.00 -13.25 26.03
C LYS D 3 37.84 -13.15 27.02
N GLN D 4 37.79 -14.11 27.94
CA GLN D 4 36.75 -14.16 28.97
C GLN D 4 37.35 -13.86 30.34
N ASN D 5 36.64 -13.05 31.10
CA ASN D 5 37.06 -12.68 32.44
C ASN D 5 36.38 -13.59 33.46
N LYS D 6 36.54 -13.29 34.75
CA LYS D 6 36.01 -14.19 35.77
C LYS D 6 34.49 -14.29 35.70
N ASP D 7 33.81 -13.22 35.30
CA ASP D 7 32.34 -13.22 35.26
C ASP D 7 31.79 -13.77 33.94
N GLY D 8 32.65 -14.14 33.00
CA GLY D 8 32.20 -14.66 31.71
C GLY D 8 31.93 -13.62 30.65
N ILE D 9 32.43 -12.40 30.81
CA ILE D 9 32.20 -11.33 29.85
C ILE D 9 33.27 -11.40 28.75
N TRP D 10 32.82 -11.57 27.50
CA TRP D 10 33.72 -11.55 26.36
C TRP D 10 34.14 -10.11 26.08
N TYR D 11 35.44 -9.85 26.10
CA TYR D 11 35.98 -8.52 25.86
C TYR D 11 37.10 -8.59 24.84
N LYS D 12 37.36 -7.44 24.20
CA LYS D 12 38.45 -7.33 23.24
C LYS D 12 38.85 -5.87 23.13
N ALA D 13 40.15 -5.64 23.03
CA ALA D 13 40.66 -4.28 22.90
C ALA D 13 40.38 -3.73 21.52
N GLU D 14 39.96 -2.46 21.46
CA GLU D 14 39.67 -1.83 20.18
C GLU D 14 39.51 -0.33 20.35
N HIS D 15 40.29 0.46 19.63
CA HIS D 15 40.26 1.91 19.72
C HIS D 15 39.64 2.45 18.44
N ALA D 16 38.42 2.95 18.54
CA ALA D 16 37.71 3.49 17.39
C ALA D 16 36.60 4.41 17.89
N SER D 17 35.97 5.11 16.94
CA SER D 17 34.90 6.04 17.24
C SER D 17 33.56 5.46 16.83
N PHE D 18 32.53 5.75 17.63
CA PHE D 18 31.17 5.29 17.37
C PHE D 18 30.23 6.48 17.36
N THR D 19 29.42 6.58 16.32
CA THR D 19 28.42 7.64 16.19
C THR D 19 27.04 7.01 16.27
N VAL D 20 26.26 7.43 17.26
CA VAL D 20 24.94 6.85 17.49
C VAL D 20 23.99 7.27 16.39
N THR D 21 23.33 6.28 15.77
CA THR D 21 22.32 6.54 14.75
C THR D 21 20.94 6.07 15.18
N ALA D 22 20.81 5.46 16.35
CA ALA D 22 19.51 5.03 16.83
C ALA D 22 18.62 6.24 17.08
N PRO D 23 17.40 6.26 16.56
CA PRO D 23 16.57 7.47 16.67
C PRO D 23 16.43 7.99 18.09
N GLU D 24 16.01 7.14 19.02
CA GLU D 24 15.77 7.55 20.41
C GLU D 24 17.01 7.42 21.30
N GLY D 25 18.19 7.30 20.70
CA GLY D 25 19.41 7.17 21.48
C GLY D 25 19.61 5.77 22.03
N ILE D 26 20.71 5.62 22.76
CA ILE D 26 21.10 4.34 23.34
C ILE D 26 21.34 4.52 24.83
N ILE D 27 20.84 3.58 25.62
CA ILE D 27 21.01 3.64 27.07
C ILE D 27 22.37 3.05 27.44
N THR D 28 23.12 3.78 28.26
CA THR D 28 24.44 3.35 28.72
C THR D 28 24.36 2.89 30.16
N ARG D 29 25.31 2.03 30.53
CA ARG D 29 25.33 1.42 31.86
C ARG D 29 26.68 1.65 32.51
N TYR D 30 26.69 1.57 33.83
CA TYR D 30 27.92 1.60 34.62
C TYR D 30 28.34 0.18 34.97
N LYS D 31 29.50 0.08 35.61
CA LYS D 31 29.96 -1.18 36.19
C LYS D 31 30.34 -2.20 35.13
N GLY D 32 29.39 -2.59 34.29
CA GLY D 32 29.62 -3.60 33.29
C GLY D 32 28.58 -3.63 32.19
N PRO D 33 28.78 -4.52 31.21
CA PRO D 33 27.87 -4.64 30.05
C PRO D 33 26.63 -5.47 30.34
N TRP D 34 25.78 -4.96 31.22
CA TRP D 34 24.58 -5.68 31.63
C TRP D 34 23.44 -4.68 31.79
N THR D 35 22.29 -4.99 31.19
CA THR D 35 21.14 -4.10 31.25
C THR D 35 20.65 -3.89 32.68
N GLY D 36 20.95 -4.82 33.59
CA GLY D 36 20.52 -4.69 34.97
C GLY D 36 21.31 -3.70 35.80
N HIS D 37 22.42 -3.19 35.26
CA HIS D 37 23.24 -2.25 35.98
C HIS D 37 22.58 -0.87 36.01
N PRO D 38 23.01 0.01 36.91
CA PRO D 38 22.45 1.36 36.94
C PRO D 38 22.72 2.06 35.61
N GLN D 39 21.73 2.84 35.17
CA GLN D 39 21.87 3.55 33.90
C GLN D 39 22.82 4.73 34.06
N ALA D 40 23.66 4.93 33.04
CA ALA D 40 24.64 6.00 33.06
C ALA D 40 24.24 7.18 32.19
N GLY D 41 23.11 7.11 31.50
CA GLY D 41 22.64 8.18 30.65
C GLY D 41 22.16 7.63 29.33
N VAL D 42 21.92 8.54 28.38
CA VAL D 42 21.45 8.17 27.05
C VAL D 42 22.27 8.96 26.04
N LEU D 43 22.90 8.25 25.11
CA LEU D 43 23.63 8.88 24.02
C LEU D 43 22.67 9.07 22.85
N GLN D 44 22.40 10.31 22.50
CA GLN D 44 21.39 10.64 21.51
C GLN D 44 21.97 10.58 20.09
N LYS D 45 21.07 10.57 19.12
CA LYS D 45 21.48 10.55 17.72
C LYS D 45 22.42 11.70 17.41
N GLY D 46 23.40 11.44 16.54
CA GLY D 46 24.37 12.43 16.16
C GLY D 46 25.58 12.50 17.05
N GLN D 47 25.43 12.20 18.34
CA GLN D 47 26.55 12.26 19.26
C GLN D 47 27.50 11.09 19.03
N THR D 48 28.80 11.35 19.19
CA THR D 48 29.84 10.37 18.93
C THR D 48 30.73 10.22 20.15
N ILE D 49 31.22 9.00 20.36
CA ILE D 49 32.12 8.69 21.46
C ILE D 49 33.24 7.80 20.93
N LYS D 50 34.34 7.78 21.67
CA LYS D 50 35.51 6.95 21.33
C LYS D 50 35.69 5.88 22.41
N TYR D 51 35.54 4.63 22.01
CA TYR D 51 35.66 3.50 22.91
C TYR D 51 37.03 2.83 22.76
N ASP D 52 37.41 2.09 23.79
CA ASP D 52 38.70 1.41 23.81
C ASP D 52 38.58 -0.10 24.02
N GLU D 53 37.37 -0.62 24.22
CA GLU D 53 37.16 -2.04 24.45
C GLU D 53 35.76 -2.43 24.01
N VAL D 54 35.63 -3.65 23.51
CA VAL D 54 34.35 -4.20 23.08
C VAL D 54 34.04 -5.42 23.92
N GLN D 55 32.78 -5.57 24.30
CA GLN D 55 32.34 -6.69 25.12
C GLN D 55 31.13 -7.36 24.49
N LYS D 56 30.95 -8.64 24.80
CA LYS D 56 29.79 -9.41 24.37
C LYS D 56 29.19 -10.08 25.61
N PHE D 57 27.98 -9.64 25.98
CA PHE D 57 27.35 -10.11 27.19
C PHE D 57 25.90 -9.63 27.19
N ASP D 58 25.05 -10.34 27.92
CA ASP D 58 23.64 -9.99 28.08
C ASP D 58 22.97 -9.78 26.71
N GLY D 59 23.24 -10.72 25.80
CA GLY D 59 22.58 -10.70 24.51
C GLY D 59 22.91 -9.52 23.63
N HIS D 60 23.99 -8.80 23.91
CA HIS D 60 24.37 -7.63 23.12
C HIS D 60 25.87 -7.55 23.00
N VAL D 61 26.32 -6.80 22.00
CA VAL D 61 27.71 -6.40 21.85
C VAL D 61 27.85 -4.98 22.42
N TRP D 62 28.84 -4.79 23.28
CA TRP D 62 29.00 -3.53 23.99
C TRP D 62 30.35 -2.90 23.65
N VAL D 63 30.40 -1.58 23.82
CA VAL D 63 31.64 -0.82 23.78
C VAL D 63 31.74 -0.02 25.06
N SER D 64 32.94 0.11 25.60
CA SER D 64 33.16 0.74 26.88
C SER D 64 34.20 1.85 26.76
N TRP D 65 34.11 2.81 27.67
CA TRP D 65 35.07 3.91 27.75
C TRP D 65 35.04 4.46 29.17
N GLU D 66 36.04 5.29 29.50
CA GLU D 66 36.14 5.91 30.81
C GLU D 66 35.64 7.36 30.72
N THR D 67 34.93 7.79 31.76
CA THR D 67 34.46 9.17 31.82
C THR D 67 35.57 10.06 32.40
N PHE D 68 35.25 11.34 32.56
CA PHE D 68 36.23 12.27 33.12
C PHE D 68 36.64 11.91 34.55
N GLU D 69 35.70 11.40 35.35
CA GLU D 69 36.04 11.06 36.74
C GLU D 69 36.72 9.71 36.85
N GLY D 70 36.81 8.95 35.76
CA GLY D 70 37.47 7.66 35.78
C GLY D 70 36.56 6.45 35.86
N GLU D 71 35.24 6.63 35.87
CA GLU D 71 34.34 5.48 35.84
C GLU D 71 34.15 5.02 34.39
N THR D 72 34.02 3.72 34.21
CA THR D 72 33.85 3.12 32.90
C THR D 72 32.36 2.98 32.60
N VAL D 73 31.96 3.39 31.40
CA VAL D 73 30.57 3.34 30.96
C VAL D 73 30.48 2.40 29.77
N TYR D 74 29.48 1.52 29.78
CA TYR D 74 29.26 0.53 28.74
C TYR D 74 27.99 0.84 27.96
N MET D 75 28.04 0.65 26.65
CA MET D 75 26.90 0.95 25.77
C MET D 75 26.67 -0.22 24.83
N PRO D 76 25.44 -0.71 24.71
CA PRO D 76 25.14 -1.71 23.68
C PRO D 76 25.06 -1.07 22.30
N VAL D 77 25.46 -1.85 21.30
CA VAL D 77 25.53 -1.34 19.93
C VAL D 77 24.87 -2.31 18.96
N ARG D 78 24.52 -3.50 19.44
CA ARG D 78 23.89 -4.48 18.56
C ARG D 78 23.54 -5.71 19.39
N THR D 79 22.56 -6.47 18.90
CA THR D 79 22.15 -7.71 19.54
C THR D 79 23.16 -8.80 19.25
N TRP D 80 23.20 -9.80 20.14
CA TRP D 80 24.18 -10.87 20.04
C TRP D 80 23.59 -12.16 20.60
N ASP D 81 23.58 -13.21 19.78
CA ASP D 81 23.11 -14.53 20.20
C ASP D 81 24.33 -15.33 20.67
N ALA D 82 24.39 -15.60 21.98
CA ALA D 82 25.58 -16.23 22.55
C ALA D 82 25.80 -17.63 22.01
N LYS D 83 24.73 -18.38 21.73
CA LYS D 83 24.89 -19.77 21.30
C LYS D 83 25.16 -19.92 19.81
N THR D 84 24.88 -18.90 19.00
CA THR D 84 25.15 -18.96 17.58
C THR D 84 26.18 -17.94 17.11
N GLY D 85 26.41 -16.87 17.86
CA GLY D 85 27.32 -15.83 17.47
C GLY D 85 26.77 -14.83 16.48
N LYS D 86 25.49 -14.93 16.12
CA LYS D 86 24.90 -13.99 15.18
C LYS D 86 24.74 -12.63 15.84
N VAL D 87 25.19 -11.59 15.15
CA VAL D 87 25.08 -10.22 15.63
C VAL D 87 24.09 -9.48 14.73
N GLY D 88 23.34 -8.55 15.33
CA GLY D 88 22.33 -7.81 14.63
C GLY D 88 22.85 -6.53 14.00
N LYS D 89 21.92 -5.73 13.49
CA LYS D 89 22.25 -4.46 12.89
C LYS D 89 22.91 -3.53 13.90
N LEU D 90 23.90 -2.78 13.44
CA LEU D 90 24.59 -1.82 14.29
C LEU D 90 23.74 -0.57 14.51
N TRP D 91 23.72 -0.09 15.74
CA TRP D 91 22.94 1.07 16.13
C TRP D 91 23.67 2.38 15.87
N GLY D 92 24.72 2.34 15.06
CA GLY D 92 25.48 3.53 14.78
C GLY D 92 26.54 3.24 13.74
N GLU D 93 27.51 4.14 13.65
CA GLU D 93 28.58 4.03 12.68
C GLU D 93 29.93 4.00 13.40
N ILE D 94 30.88 3.29 12.80
CA ILE D 94 32.20 3.16 13.40
C ILE D 94 33.28 3.71 12.48
N TRP E 2 1.81 -12.56 -22.32
CA TRP E 2 1.37 -11.57 -23.31
C TRP E 2 2.21 -11.57 -24.57
N LYS E 3 1.55 -11.24 -25.68
CA LYS E 3 2.17 -11.16 -26.99
C LYS E 3 1.50 -10.03 -27.76
N GLN E 4 2.29 -9.36 -28.60
CA GLN E 4 1.78 -8.27 -29.43
C GLN E 4 1.97 -8.68 -30.89
N ASN E 5 0.93 -8.49 -31.70
CA ASN E 5 1.00 -8.84 -33.10
C ASN E 5 1.37 -7.61 -33.94
N LYS E 6 1.31 -7.76 -35.26
CA LYS E 6 1.74 -6.69 -36.14
C LYS E 6 0.86 -5.46 -36.03
N ASP E 7 -0.43 -5.63 -35.72
CA ASP E 7 -1.34 -4.50 -35.63
C ASP E 7 -1.27 -3.81 -34.27
N GLY E 8 -0.43 -4.31 -33.36
CA GLY E 8 -0.30 -3.73 -32.05
C GLY E 8 -1.29 -4.22 -31.02
N ILE E 9 -1.97 -5.33 -31.28
CA ILE E 9 -2.95 -5.88 -30.35
C ILE E 9 -2.24 -6.80 -29.38
N TRP E 10 -2.27 -6.46 -28.10
CA TRP E 10 -1.74 -7.31 -27.05
C TRP E 10 -2.76 -8.42 -26.76
N TYR E 11 -2.34 -9.68 -26.93
CA TYR E 11 -3.23 -10.82 -26.69
C TYR E 11 -2.53 -11.86 -25.84
N LYS E 12 -3.33 -12.68 -25.18
CA LYS E 12 -2.83 -13.78 -24.35
C LYS E 12 -3.96 -14.81 -24.20
N ALA E 13 -3.58 -16.08 -24.21
CA ALA E 13 -4.56 -17.14 -24.05
C ALA E 13 -5.04 -17.19 -22.61
N GLU E 14 -6.36 -17.38 -22.45
CA GLU E 14 -6.97 -17.46 -21.12
C GLU E 14 -8.40 -17.97 -21.21
N HIS E 15 -8.70 -19.05 -20.49
CA HIS E 15 -9.99 -19.70 -20.52
C HIS E 15 -10.71 -19.44 -19.20
N ALA E 16 -11.77 -18.63 -19.25
CA ALA E 16 -12.54 -18.31 -18.06
C ALA E 16 -13.91 -17.80 -18.50
N SER E 17 -14.79 -17.63 -17.52
CA SER E 17 -16.16 -17.18 -17.77
C SER E 17 -16.31 -15.73 -17.33
N PHE E 18 -17.10 -14.96 -18.07
CA PHE E 18 -17.36 -13.56 -17.79
C PHE E 18 -18.85 -13.32 -17.75
N THR E 19 -19.32 -12.70 -16.67
CA THR E 19 -20.73 -12.34 -16.51
C THR E 19 -20.86 -10.83 -16.53
N VAL E 20 -21.63 -10.31 -17.48
CA VAL E 20 -21.76 -8.87 -17.66
C VAL E 20 -22.57 -8.28 -16.50
N THR E 21 -22.03 -7.24 -15.88
CA THR E 21 -22.72 -6.51 -14.82
C THR E 21 -23.02 -5.08 -15.19
N ALA E 22 -22.60 -4.64 -16.37
CA ALA E 22 -22.89 -3.28 -16.82
C ALA E 22 -24.40 -3.10 -17.01
N PRO E 23 -25.00 -2.04 -16.46
CA PRO E 23 -26.47 -1.91 -16.54
C PRO E 23 -27.02 -2.01 -17.95
N GLU E 24 -26.49 -1.22 -18.88
CA GLU E 24 -26.99 -1.17 -20.25
C GLU E 24 -26.30 -2.18 -21.17
N GLY E 25 -25.62 -3.17 -20.61
CA GLY E 25 -24.94 -4.16 -21.42
C GLY E 25 -23.64 -3.64 -21.99
N ILE E 26 -22.98 -4.51 -22.76
CA ILE E 26 -21.70 -4.20 -23.38
C ILE E 26 -21.80 -4.48 -24.87
N ILE E 27 -21.27 -3.58 -25.68
CA ILE E 27 -21.30 -3.74 -27.12
C ILE E 27 -20.12 -4.61 -27.55
N THR E 28 -20.42 -5.62 -28.37
CA THR E 28 -19.41 -6.54 -28.89
C THR E 28 -19.12 -6.23 -30.34
N ARG E 29 -17.92 -6.61 -30.77
CA ARG E 29 -17.44 -6.28 -32.11
C ARG E 29 -16.99 -7.54 -32.84
N TYR E 30 -16.98 -7.44 -34.17
CA TYR E 30 -16.44 -8.47 -35.03
C TYR E 30 -15.01 -8.09 -35.44
N LYS E 31 -14.37 -8.99 -36.19
CA LYS E 31 -13.08 -8.70 -36.81
C LYS E 31 -11.97 -8.62 -35.77
N GLY E 32 -12.07 -7.67 -34.84
CA GLY E 32 -11.05 -7.46 -33.85
C GLY E 32 -11.50 -6.61 -32.68
N PRO E 33 -10.61 -6.41 -31.70
CA PRO E 33 -10.94 -5.62 -30.50
C PRO E 33 -10.81 -4.11 -30.75
N TRP E 34 -11.69 -3.60 -31.62
CA TRP E 34 -11.64 -2.20 -32.01
C TRP E 34 -13.06 -1.67 -32.14
N THR E 35 -13.33 -0.51 -31.53
CA THR E 35 -14.67 0.07 -31.56
C THR E 35 -15.13 0.38 -32.98
N GLY E 36 -14.20 0.58 -33.91
CA GLY E 36 -14.57 0.90 -35.28
C GLY E 36 -15.05 -0.26 -36.10
N HIS E 37 -14.90 -1.49 -35.61
CA HIS E 37 -15.34 -2.66 -36.35
C HIS E 37 -16.86 -2.79 -36.28
N PRO E 38 -17.45 -3.59 -37.17
CA PRO E 38 -18.91 -3.77 -37.14
C PRO E 38 -19.36 -4.38 -35.81
N GLN E 39 -20.52 -3.93 -35.35
CA GLN E 39 -21.06 -4.43 -34.10
C GLN E 39 -21.61 -5.84 -34.27
N ALA E 40 -21.35 -6.69 -33.28
CA ALA E 40 -21.78 -8.08 -33.32
C ALA E 40 -22.96 -8.36 -32.40
N GLY E 41 -23.44 -7.36 -31.67
CA GLY E 41 -24.55 -7.50 -30.75
C GLY E 41 -24.24 -6.82 -29.43
N VAL E 42 -25.09 -7.08 -28.45
CA VAL E 42 -24.95 -6.51 -27.11
C VAL E 42 -25.19 -7.61 -26.09
N LEU E 43 -24.22 -7.81 -25.20
CA LEU E 43 -24.36 -8.76 -24.11
C LEU E 43 -24.92 -8.01 -22.90
N GLN E 44 -26.13 -8.37 -22.48
CA GLN E 44 -26.82 -7.62 -21.44
C GLN E 44 -26.39 -8.11 -20.05
N LYS E 45 -26.70 -7.29 -19.04
CA LYS E 45 -26.36 -7.63 -17.68
C LYS E 45 -26.96 -8.98 -17.30
N GLY E 46 -26.22 -9.73 -16.49
CA GLY E 46 -26.61 -11.06 -16.07
C GLY E 46 -26.21 -12.17 -17.01
N GLN E 47 -26.12 -11.89 -18.31
CA GLN E 47 -25.72 -12.89 -19.28
C GLN E 47 -24.24 -13.20 -19.15
N THR E 48 -23.90 -14.48 -19.37
CA THR E 48 -22.54 -14.96 -19.19
C THR E 48 -22.02 -15.61 -20.47
N ILE E 49 -20.71 -15.44 -20.70
CA ILE E 49 -20.03 -16.06 -21.83
C ILE E 49 -18.69 -16.61 -21.35
N LYS E 50 -18.15 -17.54 -22.13
CA LYS E 50 -16.85 -18.15 -21.85
C LYS E 50 -15.86 -17.75 -22.94
N TYR E 51 -14.83 -17.01 -22.57
CA TYR E 51 -13.84 -16.52 -23.50
C TYR E 51 -12.57 -17.36 -23.44
N ASP E 52 -11.78 -17.28 -24.51
CA ASP E 52 -10.54 -18.03 -24.63
C ASP E 52 -9.32 -17.16 -24.88
N GLU E 53 -9.49 -15.85 -25.03
CA GLU E 53 -8.37 -14.96 -25.33
C GLU E 53 -8.67 -13.57 -24.80
N VAL E 54 -7.62 -12.88 -24.35
CA VAL E 54 -7.71 -11.52 -23.84
C VAL E 54 -6.85 -10.62 -24.70
N GLN E 55 -7.35 -9.43 -25.00
CA GLN E 55 -6.62 -8.46 -25.81
C GLN E 55 -6.60 -7.11 -25.12
N LYS E 56 -5.57 -6.32 -25.43
CA LYS E 56 -5.46 -4.93 -24.96
C LYS E 56 -5.23 -4.06 -26.18
N PHE E 57 -6.21 -3.23 -26.50
CA PHE E 57 -6.18 -2.41 -27.70
C PHE E 57 -7.32 -1.42 -27.66
N ASP E 58 -7.15 -0.31 -28.37
CA ASP E 58 -8.19 0.72 -28.47
C ASP E 58 -8.67 1.16 -27.09
N GLY E 59 -7.71 1.39 -26.20
CA GLY E 59 -8.02 1.91 -24.88
C GLY E 59 -8.85 1.01 -23.99
N HIS E 60 -8.94 -0.29 -24.31
CA HIS E 60 -9.73 -1.22 -23.52
C HIS E 60 -9.03 -2.57 -23.47
N VAL E 61 -9.42 -3.36 -22.48
CA VAL E 61 -9.09 -4.78 -22.40
C VAL E 61 -10.27 -5.57 -22.94
N TRP E 62 -10.00 -6.51 -23.84
CA TRP E 62 -11.05 -7.24 -24.53
C TRP E 62 -10.93 -8.73 -24.24
N VAL E 63 -12.07 -9.41 -24.36
CA VAL E 63 -12.14 -10.87 -24.34
C VAL E 63 -12.82 -11.33 -25.62
N SER E 64 -12.36 -12.44 -26.18
CA SER E 64 -12.85 -12.93 -27.46
C SER E 64 -13.30 -14.38 -27.35
N TRP E 65 -14.22 -14.75 -28.24
CA TRP E 65 -14.70 -16.12 -28.35
C TRP E 65 -15.25 -16.32 -29.75
N GLU E 66 -15.47 -17.58 -30.10
CA GLU E 66 -16.04 -17.94 -31.40
C GLU E 66 -17.51 -18.29 -31.25
N THR E 67 -18.30 -17.88 -32.25
CA THR E 67 -19.73 -18.17 -32.28
C THR E 67 -19.98 -19.56 -32.87
N PHE E 68 -21.25 -19.90 -33.04
CA PHE E 68 -21.60 -21.21 -33.59
C PHE E 68 -21.04 -21.39 -35.00
N GLU E 69 -21.02 -20.33 -35.80
CA GLU E 69 -20.50 -20.45 -37.17
C GLU E 69 -18.99 -20.31 -37.25
N GLY E 70 -18.31 -20.01 -36.14
CA GLY E 70 -16.87 -19.89 -36.17
C GLY E 70 -16.33 -18.48 -36.24
N GLU E 71 -17.18 -17.47 -36.21
CA GLU E 71 -16.70 -16.09 -36.20
C GLU E 71 -16.27 -15.71 -34.79
N THR E 72 -15.19 -14.93 -34.71
CA THR E 72 -14.67 -14.49 -33.42
C THR E 72 -15.26 -13.14 -33.07
N VAL E 73 -15.72 -13.02 -31.82
CA VAL E 73 -16.35 -11.80 -31.32
C VAL E 73 -15.49 -11.28 -30.17
N TYR E 74 -15.23 -9.98 -30.17
CA TYR E 74 -14.43 -9.33 -29.15
C TYR E 74 -15.31 -8.40 -28.33
N MET E 75 -15.07 -8.37 -27.01
CA MET E 75 -15.87 -7.58 -26.09
C MET E 75 -14.96 -6.78 -25.18
N PRO E 76 -15.19 -5.48 -25.01
CA PRO E 76 -14.45 -4.72 -24.01
C PRO E 76 -14.95 -5.04 -22.61
N VAL E 77 -14.03 -5.02 -21.65
CA VAL E 77 -14.37 -5.41 -20.28
C VAL E 77 -13.83 -4.39 -19.29
N ARG E 78 -13.00 -3.47 -19.75
CA ARG E 78 -12.42 -2.47 -18.86
C ARG E 78 -11.57 -1.51 -19.68
N THR E 79 -11.40 -0.31 -19.15
CA THR E 79 -10.57 0.69 -19.80
C THR E 79 -9.09 0.34 -19.61
N TRP E 80 -8.26 0.85 -20.52
CA TRP E 80 -6.85 0.52 -20.54
C TRP E 80 -6.07 1.70 -21.10
N ASP E 81 -5.11 2.20 -20.33
CA ASP E 81 -4.23 3.27 -20.77
C ASP E 81 -2.96 2.66 -21.35
N ALA E 82 -2.78 2.78 -22.66
CA ALA E 82 -1.66 2.12 -23.32
C ALA E 82 -0.32 2.67 -22.84
N LYS E 83 -0.27 3.96 -22.50
CA LYS E 83 1.01 4.59 -22.14
C LYS E 83 1.42 4.33 -20.70
N THR E 84 0.49 3.97 -19.82
CA THR E 84 0.79 3.68 -18.43
C THR E 84 0.46 2.27 -18.00
N GLY E 85 -0.42 1.57 -18.71
CA GLY E 85 -0.85 0.25 -18.30
C GLY E 85 -1.94 0.24 -17.25
N LYS E 86 -2.49 1.40 -16.88
CA LYS E 86 -3.56 1.45 -15.91
C LYS E 86 -4.85 0.90 -16.49
N VAL E 87 -5.49 -0.01 -15.78
CA VAL E 87 -6.77 -0.57 -16.18
C VAL E 87 -7.84 -0.08 -15.22
N GLY E 88 -9.05 0.10 -15.74
CA GLY E 88 -10.16 0.60 -14.97
C GLY E 88 -10.96 -0.50 -14.30
N LYS E 89 -12.09 -0.10 -13.72
CA LYS E 89 -12.97 -1.05 -13.07
C LYS E 89 -13.48 -2.07 -14.07
N LEU E 90 -13.60 -3.32 -13.61
CA LEU E 90 -14.11 -4.39 -14.47
C LEU E 90 -15.62 -4.28 -14.62
N TRP E 91 -16.09 -4.46 -15.85
CA TRP E 91 -17.51 -4.35 -16.17
C TRP E 91 -18.28 -5.63 -15.90
N GLY E 92 -17.71 -6.57 -15.15
CA GLY E 92 -18.38 -7.83 -14.91
C GLY E 92 -17.60 -8.69 -13.94
N GLU E 93 -17.92 -9.97 -13.94
CA GLU E 93 -17.28 -10.94 -13.06
C GLU E 93 -16.59 -12.02 -13.89
N ILE E 94 -15.52 -12.57 -13.33
CA ILE E 94 -14.75 -13.61 -14.00
C ILE E 94 -14.74 -14.88 -13.15
N TRP F 2 -13.88 -6.93 8.65
CA TRP F 2 -13.43 -7.99 9.54
C TRP F 2 -14.55 -8.42 10.48
N LYS F 3 -14.55 -9.69 10.85
CA LYS F 3 -15.55 -10.24 11.75
C LYS F 3 -14.90 -11.33 12.60
N GLN F 4 -15.43 -11.53 13.80
CA GLN F 4 -14.93 -12.52 14.74
C GLN F 4 -15.95 -13.63 14.94
N ASN F 5 -15.47 -14.87 14.96
CA ASN F 5 -16.28 -16.05 15.17
C ASN F 5 -16.27 -16.46 16.64
N LYS F 6 -16.74 -17.67 16.92
CA LYS F 6 -16.90 -18.12 18.30
C LYS F 6 -15.56 -18.15 19.05
N ASP F 7 -14.46 -18.45 18.36
CA ASP F 7 -13.13 -18.54 18.97
C ASP F 7 -12.41 -17.20 19.00
N GLY F 8 -12.99 -16.16 18.39
CA GLY F 8 -12.29 -14.90 18.35
C GLY F 8 -11.33 -14.77 17.21
N ILE F 9 -11.49 -15.58 16.15
CA ILE F 9 -10.61 -15.56 14.99
C ILE F 9 -11.11 -14.48 14.06
N TRP F 10 -10.26 -13.49 13.78
CA TRP F 10 -10.61 -12.44 12.84
C TRP F 10 -10.50 -12.97 11.42
N TYR F 11 -11.61 -12.91 10.68
CA TYR F 11 -11.66 -13.38 9.30
C TYR F 11 -12.35 -12.33 8.44
N LYS F 12 -12.04 -12.37 7.15
CA LYS F 12 -12.65 -11.45 6.19
C LYS F 12 -12.57 -12.07 4.80
N ALA F 13 -13.62 -11.87 4.02
CA ALA F 13 -13.65 -12.40 2.66
C ALA F 13 -12.70 -11.62 1.76
N GLU F 14 -11.96 -12.36 0.93
CA GLU F 14 -11.02 -11.76 -0.01
C GLU F 14 -10.56 -12.81 -1.02
N HIS F 15 -10.77 -12.54 -2.30
CA HIS F 15 -10.44 -13.47 -3.37
C HIS F 15 -9.25 -12.92 -4.14
N ALA F 16 -8.10 -13.59 -3.99
CA ALA F 16 -6.88 -13.18 -4.68
C ALA F 16 -5.92 -14.37 -4.70
N SER F 17 -4.83 -14.20 -5.44
CA SER F 17 -3.82 -15.24 -5.58
C SER F 17 -2.58 -14.90 -4.77
N PHE F 18 -1.96 -15.94 -4.20
CA PHE F 18 -0.76 -15.80 -3.40
C PHE F 18 0.33 -16.71 -3.98
N THR F 19 1.50 -16.14 -4.21
CA THR F 19 2.65 -16.88 -4.68
C THR F 19 3.70 -16.92 -3.57
N VAL F 20 4.05 -18.12 -3.14
CA VAL F 20 4.97 -18.26 -2.01
C VAL F 20 6.37 -17.85 -2.44
N THR F 21 6.98 -16.95 -1.68
CA THR F 21 8.35 -16.52 -1.91
C THR F 21 9.27 -16.90 -0.76
N ALA F 22 8.74 -17.50 0.31
CA ALA F 22 9.58 -17.93 1.40
C ALA F 22 10.53 -19.03 0.92
N PRO F 23 11.83 -18.91 1.17
CA PRO F 23 12.77 -19.88 0.59
C PRO F 23 12.40 -21.33 0.88
N GLU F 24 12.15 -21.68 2.14
CA GLU F 24 11.91 -23.06 2.53
C GLU F 24 10.42 -23.43 2.51
N GLY F 25 9.59 -22.64 1.84
CA GLY F 25 8.17 -22.93 1.78
C GLY F 25 7.43 -22.54 3.04
N ILE F 26 6.13 -22.80 3.03
CA ILE F 26 5.24 -22.47 4.14
C ILE F 26 4.46 -23.71 4.53
N ILE F 27 4.35 -23.95 5.83
CA ILE F 27 3.60 -25.09 6.34
C ILE F 27 2.12 -24.73 6.41
N THR F 28 1.27 -25.61 5.89
CA THR F 28 -0.18 -25.40 5.89
C THR F 28 -0.84 -26.28 6.94
N ARG F 29 -2.00 -25.84 7.40
CA ARG F 29 -2.72 -26.51 8.49
C ARG F 29 -4.15 -26.81 8.06
N TYR F 30 -4.74 -27.78 8.74
CA TYR F 30 -6.15 -28.11 8.61
C TYR F 30 -6.94 -27.43 9.72
N LYS F 31 -8.27 -27.60 9.66
CA LYS F 31 -9.13 -27.18 10.75
C LYS F 31 -9.24 -25.66 10.84
N GLY F 32 -8.13 -25.00 11.12
CA GLY F 32 -8.14 -23.56 11.30
C GLY F 32 -6.76 -22.95 11.24
N PRO F 33 -6.69 -21.62 11.36
CA PRO F 33 -5.40 -20.89 11.31
C PRO F 33 -4.69 -20.91 12.66
N TRP F 34 -4.26 -22.10 13.07
CA TRP F 34 -3.63 -22.29 14.37
C TRP F 34 -2.49 -23.29 14.24
N THR F 35 -1.33 -22.93 14.79
CA THR F 35 -0.14 -23.78 14.67
C THR F 35 -0.34 -25.15 15.33
N GLY F 36 -1.27 -25.26 16.28
CA GLY F 36 -1.49 -26.53 16.95
C GLY F 36 -2.29 -27.55 16.18
N HIS F 37 -2.91 -27.15 15.07
CA HIS F 37 -3.70 -28.08 14.28
C HIS F 37 -2.81 -29.01 13.46
N PRO F 38 -3.37 -30.12 12.98
CA PRO F 38 -2.57 -31.05 12.17
C PRO F 38 -2.07 -30.38 10.89
N GLN F 39 -0.84 -30.74 10.50
CA GLN F 39 -0.26 -30.17 9.30
C GLN F 39 -0.90 -30.77 8.06
N ALA F 40 -1.15 -29.90 7.07
CA ALA F 40 -1.79 -30.32 5.82
C ALA F 40 -0.82 -30.39 4.65
N GLY F 41 0.45 -30.05 4.85
CA GLY F 41 1.44 -30.08 3.81
C GLY F 41 2.28 -28.81 3.83
N VAL F 42 3.07 -28.63 2.79
CA VAL F 42 3.96 -27.49 2.65
C VAL F 42 3.84 -26.94 1.24
N LEU F 43 3.53 -25.65 1.13
CA LEU F 43 3.50 -24.97 -0.16
C LEU F 43 4.88 -24.39 -0.41
N GLN F 44 5.55 -24.87 -1.46
CA GLN F 44 6.94 -24.52 -1.69
C GLN F 44 7.04 -23.19 -2.45
N LYS F 45 8.24 -22.61 -2.40
CA LYS F 45 8.50 -21.36 -3.09
C LYS F 45 8.20 -21.50 -4.58
N GLY F 46 7.67 -20.44 -5.18
CA GLY F 46 7.32 -20.44 -6.58
C GLY F 46 5.91 -20.92 -6.85
N GLN F 47 5.38 -21.80 -6.00
CA GLN F 47 4.02 -22.29 -6.16
C GLN F 47 3.01 -21.22 -5.79
N THR F 48 1.89 -21.23 -6.49
CA THR F 48 0.84 -20.24 -6.32
C THR F 48 -0.48 -20.91 -5.98
N ILE F 49 -1.28 -20.22 -5.16
CA ILE F 49 -2.60 -20.70 -4.76
C ILE F 49 -3.58 -19.53 -4.81
N LYS F 50 -4.87 -19.87 -4.88
CA LYS F 50 -5.95 -18.88 -4.90
C LYS F 50 -6.76 -19.05 -3.62
N TYR F 51 -6.75 -18.02 -2.78
CA TYR F 51 -7.47 -18.05 -1.52
C TYR F 51 -8.76 -17.25 -1.62
N ASP F 52 -9.69 -17.57 -0.71
CA ASP F 52 -11.00 -16.91 -0.68
C ASP F 52 -11.31 -16.26 0.66
N GLU F 53 -10.44 -16.39 1.65
CA GLU F 53 -10.68 -15.81 2.97
C GLU F 53 -9.35 -15.55 3.66
N VAL F 54 -9.33 -14.49 4.45
CA VAL F 54 -8.15 -14.09 5.22
C VAL F 54 -8.50 -14.14 6.70
N GLN F 55 -7.57 -14.63 7.51
CA GLN F 55 -7.76 -14.74 8.94
C GLN F 55 -6.58 -14.14 9.68
N LYS F 56 -6.83 -13.69 10.91
CA LYS F 56 -5.80 -13.17 11.80
C LYS F 56 -5.92 -13.91 13.13
N PHE F 57 -4.94 -14.74 13.45
CA PHE F 57 -5.01 -15.57 14.65
C PHE F 57 -3.64 -16.21 14.87
N ASP F 58 -3.38 -16.57 16.12
CA ASP F 58 -2.14 -17.25 16.50
C ASP F 58 -0.92 -16.49 16.00
N GLY F 59 -0.93 -15.18 16.21
CA GLY F 59 0.21 -14.34 15.87
C GLY F 59 0.53 -14.26 14.40
N HIS F 60 -0.39 -14.64 13.52
CA HIS F 60 -0.15 -14.61 12.09
C HIS F 60 -1.42 -14.21 11.36
N VAL F 61 -1.23 -13.75 10.12
CA VAL F 61 -2.32 -13.55 9.18
C VAL F 61 -2.36 -14.76 8.25
N TRP F 62 -3.55 -15.33 8.06
CA TRP F 62 -3.70 -16.56 7.31
C TRP F 62 -4.60 -16.33 6.10
N VAL F 63 -4.42 -17.17 5.09
CA VAL F 63 -5.32 -17.26 3.95
C VAL F 63 -5.78 -18.70 3.83
N SER F 64 -7.04 -18.89 3.45
CA SER F 64 -7.65 -20.20 3.40
C SER F 64 -8.26 -20.44 2.03
N TRP F 65 -8.34 -21.71 1.65
CA TRP F 65 -8.97 -22.10 0.40
C TRP F 65 -9.40 -23.56 0.53
N GLU F 66 -10.22 -23.99 -0.41
CA GLU F 66 -10.65 -25.38 -0.48
C GLU F 66 -9.83 -26.11 -1.53
N THR F 67 -9.46 -27.35 -1.23
CA THR F 67 -8.70 -28.14 -2.19
C THR F 67 -9.65 -28.81 -3.18
N PHE F 68 -9.08 -29.58 -4.10
CA PHE F 68 -9.89 -30.32 -5.05
C PHE F 68 -10.79 -31.32 -4.33
N GLU F 69 -10.31 -31.88 -3.22
CA GLU F 69 -11.02 -32.90 -2.48
C GLU F 69 -12.08 -32.32 -1.54
N GLY F 70 -12.11 -31.00 -1.38
CA GLY F 70 -13.08 -30.33 -0.55
C GLY F 70 -12.63 -29.98 0.86
N GLU F 71 -11.38 -30.29 1.22
CA GLU F 71 -10.88 -29.88 2.54
C GLU F 71 -10.36 -28.46 2.49
N THR F 72 -10.54 -27.73 3.59
CA THR F 72 -10.09 -26.36 3.70
C THR F 72 -8.68 -26.32 4.30
N VAL F 73 -7.81 -25.54 3.67
CA VAL F 73 -6.41 -25.42 4.10
C VAL F 73 -6.13 -23.97 4.47
N TYR F 74 -5.44 -23.78 5.59
CA TYR F 74 -5.05 -22.47 6.07
C TYR F 74 -3.55 -22.31 6.00
N MET F 75 -3.09 -21.14 5.58
CA MET F 75 -1.67 -20.87 5.39
C MET F 75 -1.30 -19.54 6.03
N PRO F 76 -0.24 -19.49 6.84
CA PRO F 76 0.27 -18.19 7.31
C PRO F 76 1.02 -17.47 6.22
N VAL F 77 0.93 -16.14 6.25
CA VAL F 77 1.54 -15.32 5.21
C VAL F 77 2.32 -14.17 5.82
N ARG F 78 2.17 -13.96 7.13
CA ARG F 78 2.89 -12.88 7.80
C ARG F 78 2.54 -12.90 9.28
N THR F 79 3.44 -12.35 10.09
CA THR F 79 3.22 -12.25 11.51
C THR F 79 2.20 -11.16 11.82
N TRP F 80 1.56 -11.28 12.99
CA TRP F 80 0.50 -10.36 13.38
C TRP F 80 0.49 -10.21 14.90
N ASP F 81 0.61 -8.97 15.36
CA ASP F 81 0.54 -8.66 16.78
C ASP F 81 -0.91 -8.29 17.10
N ALA F 82 -1.59 -9.15 17.86
CA ALA F 82 -3.03 -8.96 18.08
C ALA F 82 -3.32 -7.69 18.86
N LYS F 83 -2.43 -7.31 19.78
CA LYS F 83 -2.70 -6.18 20.66
C LYS F 83 -2.35 -4.83 20.03
N THR F 84 -1.53 -4.82 18.99
CA THR F 84 -1.14 -3.57 18.32
C THR F 84 -1.58 -3.48 16.88
N GLY F 85 -1.89 -4.60 16.23
CA GLY F 85 -2.22 -4.59 14.82
C GLY F 85 -1.02 -4.59 13.91
N LYS F 86 0.18 -4.71 14.46
CA LYS F 86 1.39 -4.73 13.66
C LYS F 86 1.49 -6.03 12.88
N VAL F 87 1.72 -5.92 11.57
CA VAL F 87 1.90 -7.06 10.68
C VAL F 87 3.33 -7.08 10.19
N GLY F 88 3.86 -8.28 9.98
CA GLY F 88 5.22 -8.46 9.54
C GLY F 88 5.35 -8.45 8.03
N LYS F 89 6.57 -8.77 7.58
CA LYS F 89 6.84 -8.84 6.15
C LYS F 89 5.99 -9.93 5.51
N LEU F 90 5.52 -9.68 4.29
CA LEU F 90 4.70 -10.65 3.59
C LEU F 90 5.58 -11.76 3.05
N TRP F 91 5.11 -13.00 3.21
CA TRP F 91 5.89 -14.17 2.80
C TRP F 91 5.70 -14.50 1.32
N GLY F 92 5.14 -13.59 0.54
CA GLY F 92 4.91 -13.85 -0.86
C GLY F 92 4.39 -12.61 -1.55
N GLU F 93 3.82 -12.81 -2.73
CA GLU F 93 3.27 -11.74 -3.53
C GLU F 93 1.79 -11.99 -3.78
N ILE F 94 1.03 -10.90 -3.92
CA ILE F 94 -0.41 -11.02 -4.16
C ILE F 94 -0.79 -10.38 -5.49
N TRP G 2 9.27 20.26 -2.54
CA TRP G 2 9.26 20.06 -3.99
C TRP G 2 10.20 21.05 -4.68
N LYS G 3 10.79 20.62 -5.78
CA LYS G 3 11.69 21.45 -6.57
C LYS G 3 11.57 21.09 -8.04
N GLN G 4 11.85 22.06 -8.90
CA GLN G 4 11.81 21.89 -10.34
C GLN G 4 13.22 21.97 -10.89
N ASN G 5 13.54 21.08 -11.82
CA ASN G 5 14.85 21.05 -12.45
C ASN G 5 14.76 21.88 -13.73
N LYS G 6 15.80 21.83 -14.56
CA LYS G 6 15.80 22.70 -15.72
C LYS G 6 14.63 22.38 -16.64
N ASP G 7 14.16 21.13 -16.66
CA ASP G 7 13.05 20.72 -17.51
C ASP G 7 11.68 21.02 -16.91
N GLY G 8 11.65 21.56 -15.69
CA GLY G 8 10.36 21.83 -15.06
C GLY G 8 9.75 20.64 -14.37
N ILE G 9 10.54 19.59 -14.12
CA ILE G 9 10.04 18.36 -13.50
C ILE G 9 10.07 18.52 -11.99
N TRP G 10 8.90 18.40 -11.37
CA TRP G 10 8.82 18.46 -9.91
C TRP G 10 9.36 17.15 -9.32
N TYR G 11 10.40 17.26 -8.50
CA TYR G 11 10.99 16.10 -7.85
C TYR G 11 11.19 16.39 -6.37
N LYS G 12 11.28 15.32 -5.59
CA LYS G 12 11.51 15.41 -4.16
C LYS G 12 12.09 14.09 -3.67
N ALA G 13 13.06 14.17 -2.76
CA ALA G 13 13.67 12.96 -2.23
C ALA G 13 12.73 12.25 -1.26
N GLU G 14 12.65 10.93 -1.39
CA GLU G 14 11.81 10.12 -0.52
C GLU G 14 12.11 8.63 -0.70
N HIS G 15 12.45 7.95 0.39
CA HIS G 15 12.80 6.53 0.40
C HIS G 15 11.68 5.73 1.05
N ALA G 16 10.99 4.92 0.24
CA ALA G 16 9.92 4.06 0.72
C ALA G 16 9.75 2.94 -0.29
N SER G 17 8.92 1.97 0.06
CA SER G 17 8.67 0.81 -0.78
C SER G 17 7.30 0.94 -1.44
N PHE G 18 7.20 0.48 -2.68
CA PHE G 18 5.96 0.53 -3.44
C PHE G 18 5.62 -0.86 -3.94
N THR G 19 4.40 -1.30 -3.67
CA THR G 19 3.89 -2.59 -4.14
C THR G 19 2.79 -2.34 -5.15
N VAL G 20 2.97 -2.85 -6.37
CA VAL G 20 2.03 -2.58 -7.44
C VAL G 20 0.72 -3.32 -7.17
N THR G 21 -0.39 -2.57 -7.22
CA THR G 21 -1.72 -3.14 -7.07
C THR G 21 -2.56 -3.00 -8.33
N ALA G 22 -2.05 -2.36 -9.37
CA ALA G 22 -2.79 -2.25 -10.62
C ALA G 22 -2.96 -3.63 -11.24
N PRO G 23 -4.17 -4.01 -11.63
CA PRO G 23 -4.40 -5.40 -12.10
C PRO G 23 -3.44 -5.83 -13.20
N GLU G 24 -3.34 -5.06 -14.29
CA GLU G 24 -2.50 -5.42 -15.43
C GLU G 24 -1.09 -4.89 -15.32
N GLY G 25 -0.64 -4.50 -14.13
CA GLY G 25 0.70 -4.00 -13.94
C GLY G 25 0.85 -2.55 -14.36
N ILE G 26 2.08 -2.05 -14.21
CA ILE G 26 2.41 -0.66 -14.50
C ILE G 26 3.62 -0.64 -15.44
N ILE G 27 3.55 0.23 -16.45
CA ILE G 27 4.63 0.38 -17.41
C ILE G 27 5.67 1.34 -16.86
N THR G 28 6.94 0.94 -16.92
CA THR G 28 8.05 1.76 -16.45
C THR G 28 8.82 2.32 -17.64
N ARG G 29 9.49 3.45 -17.42
CA ARG G 29 10.19 4.16 -18.48
C ARG G 29 11.64 4.40 -18.07
N TYR G 30 12.48 4.59 -19.08
CA TYR G 30 13.87 4.99 -18.88
C TYR G 30 14.01 6.51 -19.06
N LYS G 31 15.22 7.00 -18.82
CA LYS G 31 15.57 8.39 -19.12
C LYS G 31 14.87 9.37 -18.20
N GLY G 32 13.54 9.38 -18.20
CA GLY G 32 12.80 10.33 -17.39
C GLY G 32 11.34 9.95 -17.20
N PRO G 33 10.63 10.76 -16.40
CA PRO G 33 9.20 10.50 -16.11
C PRO G 33 8.28 11.00 -17.21
N TRP G 34 8.39 10.38 -18.39
CA TRP G 34 7.63 10.77 -19.56
C TRP G 34 7.21 9.53 -20.32
N THR G 35 5.92 9.45 -20.66
CA THR G 35 5.40 8.27 -21.36
C THR G 35 6.07 8.07 -22.72
N GLY G 36 6.61 9.13 -23.31
CA GLY G 36 7.24 9.01 -24.61
C GLY G 36 8.62 8.37 -24.60
N HIS G 37 9.20 8.16 -23.42
CA HIS G 37 10.50 7.54 -23.31
C HIS G 37 10.43 6.04 -23.55
N PRO G 38 11.57 5.41 -23.83
CA PRO G 38 11.58 3.96 -24.04
C PRO G 38 11.11 3.22 -22.79
N GLN G 39 10.40 2.11 -23.02
CA GLN G 39 9.91 1.31 -21.92
C GLN G 39 11.04 0.54 -21.25
N ALA G 40 10.99 0.48 -19.92
CA ALA G 40 12.00 -0.22 -19.14
C ALA G 40 11.50 -1.55 -18.60
N GLY G 41 10.25 -1.90 -18.87
CA GLY G 41 9.65 -3.13 -18.41
C GLY G 41 8.27 -2.87 -17.86
N VAL G 42 7.71 -3.88 -17.20
CA VAL G 42 6.39 -3.80 -16.60
C VAL G 42 6.48 -4.40 -15.20
N LEU G 43 6.08 -3.63 -14.19
CA LEU G 43 6.02 -4.11 -12.83
C LEU G 43 4.62 -4.66 -12.56
N GLN G 44 4.54 -5.97 -12.31
CA GLN G 44 3.24 -6.61 -12.16
C GLN G 44 2.75 -6.48 -10.71
N LYS G 45 1.46 -6.75 -10.53
CA LYS G 45 0.88 -6.69 -9.20
C LYS G 45 1.62 -7.62 -8.26
N GLY G 46 1.76 -7.21 -7.00
CA GLY G 46 2.49 -7.95 -6.01
C GLY G 46 3.97 -7.63 -5.94
N GLN G 47 4.58 -7.22 -7.06
CA GLN G 47 5.99 -6.88 -7.06
C GLN G 47 6.24 -5.57 -6.33
N THR G 48 7.37 -5.49 -5.64
CA THR G 48 7.72 -4.33 -4.83
C THR G 48 9.08 -3.80 -5.25
N ILE G 49 9.24 -2.47 -5.17
CA ILE G 49 10.48 -1.80 -5.50
C ILE G 49 10.75 -0.73 -4.45
N LYS G 50 12.00 -0.29 -4.37
CA LYS G 50 12.42 0.76 -3.46
C LYS G 50 12.84 1.97 -4.28
N TYR G 51 12.10 3.06 -4.15
CA TYR G 51 12.37 4.28 -4.89
C TYR G 51 13.06 5.30 -3.99
N ASP G 52 13.72 6.26 -4.63
CA ASP G 52 14.47 7.28 -3.91
C ASP G 52 14.03 8.70 -4.25
N GLU G 53 13.11 8.87 -5.20
CA GLU G 53 12.68 10.19 -5.62
C GLU G 53 11.27 10.10 -6.21
N VAL G 54 10.51 11.18 -6.01
CA VAL G 54 9.16 11.29 -6.55
C VAL G 54 9.14 12.47 -7.52
N GLN G 55 8.44 12.29 -8.64
CA GLN G 55 8.34 13.32 -9.66
C GLN G 55 6.88 13.55 -10.04
N LYS G 56 6.61 14.76 -10.51
CA LYS G 56 5.29 15.12 -11.04
C LYS G 56 5.50 15.71 -12.43
N PHE G 57 5.05 14.99 -13.45
CA PHE G 57 5.29 15.39 -14.83
C PHE G 57 4.42 14.52 -15.73
N ASP G 58 4.10 15.05 -16.91
CA ASP G 58 3.32 14.33 -17.91
C ASP G 58 2.03 13.78 -17.31
N GLY G 59 1.36 14.63 -16.52
CA GLY G 59 0.06 14.27 -15.97
C GLY G 59 0.07 13.13 -14.97
N HIS G 60 1.23 12.78 -14.42
CA HIS G 60 1.33 11.67 -13.47
C HIS G 60 2.35 11.98 -12.40
N VAL G 61 2.24 11.26 -11.29
CA VAL G 61 3.25 11.24 -10.23
C VAL G 61 4.12 10.01 -10.45
N TRP G 62 5.43 10.19 -10.40
CA TRP G 62 6.37 9.12 -10.71
C TRP G 62 7.26 8.83 -9.51
N VAL G 63 7.77 7.60 -9.47
CA VAL G 63 8.81 7.19 -8.54
C VAL G 63 9.96 6.60 -9.34
N SER G 64 11.18 6.84 -8.89
CA SER G 64 12.37 6.43 -9.64
C SER G 64 13.28 5.60 -8.74
N TRP G 65 14.09 4.76 -9.38
CA TRP G 65 15.09 3.95 -8.70
C TRP G 65 16.18 3.60 -9.70
N GLU G 66 17.29 3.08 -9.18
CA GLU G 66 18.42 2.66 -9.99
C GLU G 66 18.43 1.15 -10.15
N THR G 67 18.81 0.70 -11.35
CA THR G 67 18.90 -0.72 -11.62
C THR G 67 20.24 -1.26 -11.13
N PHE G 68 20.49 -2.56 -11.37
CA PHE G 68 21.74 -3.15 -10.93
C PHE G 68 22.94 -2.51 -11.61
N GLU G 69 22.84 -2.20 -12.90
CA GLU G 69 23.93 -1.59 -13.64
C GLU G 69 23.96 -0.07 -13.52
N GLY G 70 23.00 0.54 -12.84
CA GLY G 70 23.01 1.98 -12.69
C GLY G 70 22.04 2.75 -13.57
N GLU G 71 21.18 2.07 -14.32
CA GLU G 71 20.21 2.77 -15.15
C GLU G 71 19.03 3.21 -14.27
N THR G 72 18.50 4.40 -14.56
CA THR G 72 17.39 4.96 -13.80
C THR G 72 16.07 4.60 -14.47
N VAL G 73 15.13 4.10 -13.68
CA VAL G 73 13.81 3.72 -14.17
C VAL G 73 12.76 4.57 -13.46
N TYR G 74 11.83 5.11 -14.21
CA TYR G 74 10.74 5.92 -13.68
C TYR G 74 9.42 5.21 -13.89
N MET G 75 8.56 5.27 -12.88
CA MET G 75 7.27 4.59 -12.92
C MET G 75 6.16 5.54 -12.45
N PRO G 76 5.07 5.65 -13.19
CA PRO G 76 3.91 6.41 -12.69
C PRO G 76 3.17 5.61 -11.63
N VAL G 77 2.59 6.34 -10.68
CA VAL G 77 1.91 5.71 -9.55
C VAL G 77 0.54 6.34 -9.32
N ARG G 78 0.27 7.44 -10.02
CA ARG G 78 -1.01 8.12 -9.87
C ARG G 78 -1.07 9.29 -10.84
N THR G 79 -2.29 9.69 -11.19
CA THR G 79 -2.50 10.83 -12.06
C THR G 79 -2.29 12.14 -11.31
N TRP G 80 -1.98 13.19 -12.06
CA TRP G 80 -1.65 14.49 -11.48
C TRP G 80 -2.07 15.60 -12.42
N ASP G 81 -2.91 16.50 -11.94
CA ASP G 81 -3.34 17.67 -12.70
C ASP G 81 -2.45 18.85 -12.34
N ALA G 82 -1.63 19.29 -13.30
CA ALA G 82 -0.63 20.32 -13.01
C ALA G 82 -1.25 21.66 -12.63
N LYS G 83 -2.39 22.03 -13.21
CA LYS G 83 -2.96 23.36 -12.96
C LYS G 83 -3.79 23.43 -11.69
N THR G 84 -4.24 22.29 -11.16
CA THR G 84 -5.03 22.27 -9.94
C THR G 84 -4.36 21.55 -8.78
N GLY G 85 -3.38 20.68 -9.05
CA GLY G 85 -2.75 19.92 -8.00
C GLY G 85 -3.52 18.69 -7.58
N LYS G 86 -4.62 18.36 -8.26
CA LYS G 86 -5.41 17.19 -7.91
C LYS G 86 -4.65 15.92 -8.27
N VAL G 87 -4.55 15.01 -7.30
CA VAL G 87 -3.88 13.72 -7.50
C VAL G 87 -4.94 12.64 -7.45
N GLY G 88 -4.74 11.59 -8.24
CA GLY G 88 -5.69 10.50 -8.31
C GLY G 88 -5.39 9.39 -7.32
N LYS G 89 -6.17 8.33 -7.43
CA LYS G 89 -5.99 7.16 -6.58
C LYS G 89 -4.63 6.51 -6.86
N LEU G 90 -3.99 6.01 -5.81
CA LEU G 90 -2.69 5.39 -5.95
C LEU G 90 -2.81 4.00 -6.57
N TRP G 91 -1.91 3.69 -7.49
CA TRP G 91 -1.88 2.40 -8.17
C TRP G 91 -1.17 1.34 -7.35
N GLY G 92 -0.93 1.61 -6.07
CA GLY G 92 -0.23 0.66 -5.23
C GLY G 92 -0.20 1.17 -3.81
N GLU G 93 0.68 0.59 -3.01
CA GLU G 93 0.84 0.95 -1.62
C GLU G 93 2.27 1.39 -1.35
N ILE G 94 2.43 2.29 -0.39
CA ILE G 94 3.75 2.81 -0.04
C ILE G 94 4.10 2.48 1.40
N TRP H 2 -35.13 -1.02 -27.31
CA TRP H 2 -34.49 0.18 -27.84
C TRP H 2 -34.76 0.38 -29.32
N LYS H 3 -34.82 1.66 -29.72
CA LYS H 3 -35.00 2.02 -31.13
C LYS H 3 -34.23 3.29 -31.41
N GLN H 4 -33.78 3.41 -32.65
CA GLN H 4 -32.99 4.53 -33.12
C GLN H 4 -33.76 5.33 -34.16
N ASN H 5 -33.72 6.65 -34.03
CA ASN H 5 -34.33 7.48 -35.04
C ASN H 5 -33.23 7.92 -36.00
N LYS H 6 -33.58 8.81 -36.94
CA LYS H 6 -32.62 9.23 -37.94
C LYS H 6 -31.42 9.95 -37.35
N ASP H 7 -31.62 10.66 -36.25
CA ASP H 7 -30.52 11.44 -35.70
C ASP H 7 -29.57 10.59 -34.88
N GLY H 8 -29.85 9.29 -34.75
CA GLY H 8 -29.01 8.40 -33.98
C GLY H 8 -29.32 8.32 -32.50
N ILE H 9 -30.50 8.78 -32.10
CA ILE H 9 -30.89 8.80 -30.70
C ILE H 9 -31.54 7.47 -30.33
N TRP H 10 -30.93 6.76 -29.37
CA TRP H 10 -31.55 5.56 -28.82
C TRP H 10 -32.68 5.96 -27.89
N TYR H 11 -33.89 5.48 -28.16
CA TYR H 11 -35.01 5.76 -27.30
C TYR H 11 -35.74 4.47 -26.98
N LYS H 12 -36.45 4.47 -25.85
CA LYS H 12 -37.24 3.32 -25.43
C LYS H 12 -38.29 3.81 -24.45
N ALA H 13 -39.49 3.23 -24.53
CA ALA H 13 -40.56 3.62 -23.63
C ALA H 13 -40.31 3.08 -22.23
N GLU H 14 -40.55 3.94 -21.23
CA GLU H 14 -40.37 3.57 -19.83
C GLU H 14 -41.00 4.62 -18.92
N HIS H 15 -41.92 4.21 -18.07
CA HIS H 15 -42.65 5.09 -17.16
C HIS H 15 -42.18 4.83 -15.74
N ALA H 16 -41.46 5.79 -15.16
CA ALA H 16 -40.93 5.67 -13.81
C ALA H 16 -40.62 7.05 -13.27
N SER H 17 -40.24 7.09 -12.00
CA SER H 17 -39.94 8.33 -11.30
C SER H 17 -38.44 8.48 -11.12
N PHE H 18 -37.97 9.72 -11.21
CA PHE H 18 -36.55 10.04 -11.01
C PHE H 18 -36.45 11.13 -9.97
N THR H 19 -35.62 10.91 -8.96
CA THR H 19 -35.35 11.88 -7.92
C THR H 19 -33.91 12.33 -8.05
N VAL H 20 -33.70 13.63 -8.26
CA VAL H 20 -32.36 14.14 -8.52
C VAL H 20 -31.54 14.09 -7.24
N THR H 21 -30.36 13.47 -7.32
CA THR H 21 -29.42 13.43 -6.21
C THR H 21 -28.11 14.15 -6.50
N ALA H 22 -27.94 14.67 -7.71
CA ALA H 22 -26.71 15.40 -8.02
C ALA H 22 -26.66 16.67 -7.17
N PRO H 23 -25.53 16.94 -6.49
CA PRO H 23 -25.51 18.08 -5.56
C PRO H 23 -25.95 19.41 -6.15
N GLU H 24 -25.37 19.82 -7.27
CA GLU H 24 -25.67 21.11 -7.87
C GLU H 24 -26.83 21.05 -8.87
N GLY H 25 -27.63 19.99 -8.83
CA GLY H 25 -28.76 19.87 -9.73
C GLY H 25 -28.35 19.38 -11.11
N ILE H 26 -29.35 19.27 -11.97
CA ILE H 26 -29.16 18.78 -13.33
C ILE H 26 -29.78 19.77 -14.30
N ILE H 27 -29.05 20.06 -15.38
CA ILE H 27 -29.54 20.99 -16.41
C ILE H 27 -30.41 20.22 -17.38
N THR H 28 -31.59 20.77 -17.67
CA THR H 28 -32.53 20.18 -18.61
C THR H 28 -32.52 20.94 -19.92
N ARG H 29 -32.91 20.26 -21.00
CA ARG H 29 -32.85 20.81 -22.34
C ARG H 29 -34.20 20.70 -23.03
N TYR H 30 -34.39 21.54 -24.04
CA TYR H 30 -35.53 21.46 -24.93
C TYR H 30 -35.16 20.72 -26.20
N LYS H 31 -36.14 20.51 -27.07
CA LYS H 31 -35.85 20.00 -28.40
C LYS H 31 -35.43 18.53 -28.38
N GLY H 32 -34.31 18.22 -27.73
CA GLY H 32 -33.80 16.86 -27.72
C GLY H 32 -32.76 16.65 -26.65
N PRO H 33 -32.28 15.41 -26.52
CA PRO H 33 -31.26 15.07 -25.51
C PRO H 33 -29.85 15.43 -25.97
N TRP H 34 -29.60 16.72 -26.12
CA TRP H 34 -28.33 17.21 -26.62
C TRP H 34 -27.98 18.49 -25.86
N THR H 35 -26.73 18.56 -25.37
CA THR H 35 -26.32 19.72 -24.58
C THR H 35 -26.39 21.02 -25.37
N GLY H 36 -26.35 20.95 -26.71
CA GLY H 36 -26.39 22.15 -27.51
C GLY H 36 -27.76 22.77 -27.66
N HIS H 37 -28.81 22.07 -27.22
CA HIS H 37 -30.16 22.61 -27.32
C HIS H 37 -30.40 23.66 -26.24
N PRO H 38 -31.44 24.48 -26.40
CA PRO H 38 -31.72 25.50 -25.39
C PRO H 38 -32.02 24.89 -24.04
N GLN H 39 -31.55 25.56 -22.99
CA GLN H 39 -31.76 25.09 -21.63
C GLN H 39 -33.19 25.36 -21.18
N ALA H 40 -33.78 24.38 -20.49
CA ALA H 40 -35.15 24.48 -20.00
C ALA H 40 -35.23 24.72 -18.50
N GLY H 41 -34.10 24.77 -17.80
CA GLY H 41 -34.07 24.97 -16.37
C GLY H 41 -33.12 24.01 -15.70
N VAL H 42 -33.18 23.96 -14.37
CA VAL H 42 -32.33 23.10 -13.56
C VAL H 42 -33.19 22.41 -12.53
N LEU H 43 -33.14 21.07 -12.49
CA LEU H 43 -33.84 20.29 -11.49
C LEU H 43 -32.91 20.03 -10.30
N GLN H 44 -33.29 20.56 -9.14
CA GLN H 44 -32.45 20.51 -7.95
C GLN H 44 -32.67 19.20 -7.19
N LYS H 45 -31.74 18.89 -6.29
CA LYS H 45 -31.84 17.70 -5.47
C LYS H 45 -33.14 17.68 -4.69
N GLY H 46 -33.68 16.48 -4.48
CA GLY H 46 -34.93 16.29 -3.77
C GLY H 46 -36.16 16.38 -4.65
N GLN H 47 -36.09 17.15 -5.74
CA GLN H 47 -37.22 17.25 -6.64
C GLN H 47 -37.34 15.97 -7.44
N THR H 48 -38.58 15.56 -7.70
CA THR H 48 -38.85 14.31 -8.39
C THR H 48 -39.73 14.58 -9.60
N ILE H 49 -39.52 13.82 -10.67
CA ILE H 49 -40.31 13.92 -11.88
C ILE H 49 -40.63 12.51 -12.38
N LYS H 50 -41.66 12.43 -13.22
CA LYS H 50 -42.08 11.18 -13.84
C LYS H 50 -41.84 11.27 -15.34
N TYR H 51 -40.94 10.41 -15.84
CA TYR H 51 -40.58 10.40 -17.24
C TYR H 51 -41.30 9.27 -17.97
N ASP H 52 -41.40 9.41 -19.29
CA ASP H 52 -42.10 8.43 -20.11
C ASP H 52 -41.23 7.84 -21.23
N GLU H 53 -40.00 8.31 -21.38
CA GLU H 53 -39.11 7.81 -22.43
C GLU H 53 -37.67 8.02 -22.01
N VAL H 54 -36.81 7.09 -22.43
CA VAL H 54 -35.38 7.14 -22.14
C VAL H 54 -34.62 7.24 -23.46
N GLN H 55 -33.57 8.06 -23.46
CA GLN H 55 -32.75 8.25 -24.65
C GLN H 55 -31.29 8.07 -24.31
N LYS H 56 -30.50 7.69 -25.33
CA LYS H 56 -29.05 7.56 -25.21
C LYS H 56 -28.43 8.36 -26.34
N PHE H 57 -27.75 9.46 -26.01
CA PHE H 57 -27.21 10.35 -27.01
C PHE H 57 -26.28 11.35 -26.34
N ASP H 58 -25.34 11.87 -27.13
CA ASP H 58 -24.40 12.90 -26.68
C ASP H 58 -23.69 12.48 -25.39
N GLY H 59 -23.22 11.23 -25.37
CA GLY H 59 -22.44 10.74 -24.25
C GLY H 59 -23.18 10.64 -22.94
N HIS H 60 -24.51 10.64 -22.96
CA HIS H 60 -25.29 10.57 -21.73
C HIS H 60 -26.55 9.75 -21.98
N VAL H 61 -27.12 9.25 -20.88
CA VAL H 61 -28.45 8.65 -20.88
C VAL H 61 -29.43 9.70 -20.40
N TRP H 62 -30.54 9.88 -21.13
CA TRP H 62 -31.50 10.93 -20.85
C TRP H 62 -32.86 10.33 -20.53
N VAL H 63 -33.65 11.08 -19.77
CA VAL H 63 -35.05 10.80 -19.54
C VAL H 63 -35.85 12.04 -19.92
N SER H 64 -37.03 11.83 -20.50
CA SER H 64 -37.84 12.93 -21.01
C SER H 64 -39.24 12.88 -20.43
N TRP H 65 -39.87 14.05 -20.37
CA TRP H 65 -41.25 14.17 -19.92
C TRP H 65 -41.82 15.45 -20.51
N GLU H 66 -43.14 15.58 -20.44
CA GLU H 66 -43.81 16.79 -20.89
C GLU H 66 -44.17 17.66 -19.70
N THR H 67 -44.05 18.97 -19.89
CA THR H 67 -44.37 19.93 -18.84
C THR H 67 -45.87 20.20 -18.80
N PHE H 68 -46.27 21.09 -17.90
CA PHE H 68 -47.68 21.47 -17.81
C PHE H 68 -48.13 22.12 -19.11
N GLU H 69 -47.20 22.80 -19.79
CA GLU H 69 -47.45 23.54 -21.01
C GLU H 69 -47.48 22.67 -22.26
N GLY H 70 -47.08 21.41 -22.15
CA GLY H 70 -47.04 20.50 -23.27
C GLY H 70 -45.68 20.39 -23.91
N GLU H 71 -44.68 21.11 -23.39
CA GLU H 71 -43.33 21.06 -23.92
C GLU H 71 -42.57 19.87 -23.36
N THR H 72 -41.73 19.28 -24.20
CA THR H 72 -40.94 18.12 -23.82
C THR H 72 -39.58 18.56 -23.30
N VAL H 73 -39.20 18.04 -22.13
CA VAL H 73 -37.94 18.38 -21.50
C VAL H 73 -37.10 17.12 -21.37
N TYR H 74 -35.82 17.24 -21.72
CA TYR H 74 -34.88 16.13 -21.64
C TYR H 74 -33.85 16.42 -20.57
N MET H 75 -33.49 15.40 -19.79
CA MET H 75 -32.55 15.55 -18.70
C MET H 75 -31.53 14.42 -18.74
N PRO H 76 -30.24 14.73 -18.61
CA PRO H 76 -29.24 13.66 -18.47
C PRO H 76 -29.29 13.06 -17.08
N VAL H 77 -29.00 11.76 -17.00
CA VAL H 77 -29.12 11.03 -15.74
C VAL H 77 -27.87 10.21 -15.48
N ARG H 78 -26.99 10.10 -16.47
CA ARG H 78 -25.77 9.32 -16.31
C ARG H 78 -24.95 9.44 -17.59
N THR H 79 -23.64 9.22 -17.45
CA THR H 79 -22.76 9.23 -18.61
C THR H 79 -22.94 7.94 -19.41
N TRP H 80 -22.60 8.01 -20.69
CA TRP H 80 -22.82 6.89 -21.60
C TRP H 80 -21.74 6.89 -22.67
N ASP H 81 -21.03 5.76 -22.78
CA ASP H 81 -20.02 5.58 -23.81
C ASP H 81 -20.67 4.91 -25.02
N ALA H 82 -20.81 5.66 -26.11
CA ALA H 82 -21.53 5.16 -27.27
C ALA H 82 -20.85 3.96 -27.92
N LYS H 83 -19.50 3.92 -27.91
CA LYS H 83 -18.81 2.86 -28.64
C LYS H 83 -18.75 1.55 -27.85
N THR H 84 -18.94 1.58 -26.54
CA THR H 84 -18.90 0.38 -25.71
C THR H 84 -20.20 0.07 -24.98
N GLY H 85 -21.10 1.03 -24.82
CA GLY H 85 -22.33 0.84 -24.08
C GLY H 85 -22.18 1.01 -22.59
N LYS H 86 -21.02 1.44 -22.10
CA LYS H 86 -20.81 1.65 -20.68
C LYS H 86 -21.58 2.87 -20.20
N VAL H 87 -22.34 2.70 -19.12
CA VAL H 87 -23.08 3.78 -18.49
C VAL H 87 -22.46 4.03 -17.12
N GLY H 88 -22.47 5.29 -16.71
CA GLY H 88 -21.88 5.69 -15.45
C GLY H 88 -22.86 5.60 -14.30
N LYS H 89 -22.42 6.10 -13.14
CA LYS H 89 -23.28 6.11 -11.97
C LYS H 89 -24.49 7.00 -12.20
N LEU H 90 -25.63 6.58 -11.64
CA LEU H 90 -26.86 7.34 -11.79
C LEU H 90 -26.83 8.60 -10.93
N TRP H 91 -27.29 9.71 -11.49
CA TRP H 91 -27.34 10.99 -10.79
C TRP H 91 -28.58 11.12 -9.91
N GLY H 92 -29.25 10.01 -9.66
CA GLY H 92 -30.45 10.04 -8.84
C GLY H 92 -30.94 8.63 -8.62
N GLU H 93 -32.19 8.51 -8.17
CA GLU H 93 -32.80 7.22 -7.91
C GLU H 93 -34.06 7.07 -8.76
N ILE H 94 -34.38 5.83 -9.11
CA ILE H 94 -35.53 5.55 -9.94
C ILE H 94 -36.51 4.64 -9.20
#